data_2P82
#
_entry.id   2P82
#
_cell.length_a   94.408
_cell.length_b   94.408
_cell.length_c   337.339
_cell.angle_alpha   90.00
_cell.angle_beta   90.00
_cell.angle_gamma   120.00
#
_symmetry.space_group_name_H-M   'P 31 2 1'
#
loop_
_entity.id
_entity.type
_entity.pdbx_description
1 polymer 'Cysteine protease ATG4A'
2 non-polymer 1,2-ETHANEDIOL
3 non-polymer 'CHLORIDE ION'
4 water water
#
_entity_poly.entity_id   1
_entity_poly.type   'polypeptide(L)'
_entity_poly.pdbx_seq_one_letter_code
;MHHHHHHSSGRENLYFQGPDTDELVWILGKQHLLKTEKSKLLSDISARLWFTYRRKFSPIGGTGPSSDAGWGCMLRCGQM
MLAQALICRHLGRDWSWEKQKEQPKEYQRILQCFLDRKDCCYSIHQMAQMGVGEGKSIGEWFGPNTVAQVLKKLALFDEW
NSLAVYVSMDNTVVIEDIKKMCRVLPLSADTAGDRPPDSLTASNQSKGTSAYCSAWKPLLLIVPLRLGINQINPVYVDAF
KECFKMPQSLGALGGKPNNAYYFIGFLGDELIFLDPHTTQTFVDTEENGTVNDQTFHCLQSPQRMNILNLDPSVALGFFC
KEEKDFDNWCSLVQKEILKENLRMFELVQKHPSHW
;
_entity_poly.pdbx_strand_id   A,B,C,D
#
# COMPACT_ATOMS: atom_id res chain seq x y z
N ASP A 22 51.89 2.09 19.96
CA ASP A 22 51.39 1.66 18.62
C ASP A 22 50.72 0.28 18.69
N GLU A 23 49.78 0.15 19.61
CA GLU A 23 49.07 -1.10 19.81
C GLU A 23 48.16 -1.45 18.63
N LEU A 24 47.79 -2.73 18.54
CA LEU A 24 46.82 -3.18 17.56
C LEU A 24 45.42 -2.90 18.10
N VAL A 25 44.63 -2.21 17.29
CA VAL A 25 43.26 -1.86 17.63
C VAL A 25 42.36 -2.70 16.74
N TRP A 26 41.28 -3.22 17.32
CA TRP A 26 40.28 -3.96 16.57
C TRP A 26 38.96 -3.20 16.62
N ILE A 27 38.34 -3.07 15.44
CA ILE A 27 37.03 -2.46 15.29
C ILE A 27 36.25 -3.39 14.35
N LEU A 28 35.25 -4.06 14.89
CA LEU A 28 34.29 -4.81 14.07
C LEU A 28 34.97 -5.67 13.00
N GLY A 29 35.87 -6.54 13.45
CA GLY A 29 36.56 -7.46 12.57
C GLY A 29 37.70 -6.92 11.72
N LYS A 30 38.03 -5.63 11.89
CA LYS A 30 39.17 -5.02 11.22
C LYS A 30 40.21 -4.53 12.22
N GLN A 31 41.48 -4.73 11.88
CA GLN A 31 42.59 -4.28 12.73
C GLN A 31 43.19 -2.97 12.23
N HIS A 32 43.59 -2.12 13.17
CA HIS A 32 44.22 -0.84 12.88
C HIS A 32 45.39 -0.63 13.84
N LEU A 33 46.51 -0.15 13.31
CA LEU A 33 47.66 0.18 14.15
C LEU A 33 47.49 1.58 14.76
N LEU A 34 47.53 1.65 16.09
CA LEU A 34 47.17 2.88 16.82
C LEU A 34 47.94 4.16 16.42
N LYS A 35 49.25 4.07 16.33
CA LYS A 35 50.08 5.23 15.99
C LYS A 35 50.21 5.41 14.47
N THR A 36 50.81 4.41 13.83
CA THR A 36 51.05 4.41 12.37
C THR A 36 49.79 4.50 11.48
N GLU A 37 48.63 4.13 12.01
CA GLU A 37 47.39 4.09 11.23
C GLU A 37 46.22 4.75 11.97
N LYS A 38 46.51 5.80 12.73
CA LYS A 38 45.48 6.47 13.52
C LYS A 38 44.37 7.08 12.65
N SER A 39 44.76 7.71 11.55
CA SER A 39 43.82 8.28 10.60
C SER A 39 42.82 7.24 10.05
N LYS A 40 43.33 6.06 9.67
CA LYS A 40 42.49 4.97 9.18
C LYS A 40 41.55 4.46 10.25
N LEU A 41 42.04 4.38 11.49
CA LEU A 41 41.23 3.98 12.63
C LEU A 41 40.06 4.96 12.79
N LEU A 42 40.39 6.24 12.89
CA LEU A 42 39.40 7.29 13.05
C LEU A 42 38.37 7.28 11.92
N SER A 43 38.83 7.15 10.68
CA SER A 43 37.94 7.11 9.53
C SER A 43 37.03 5.88 9.61
N ASP A 44 37.59 4.75 10.04
CA ASP A 44 36.79 3.55 10.20
C ASP A 44 35.65 3.76 11.20
N ILE A 45 35.94 4.44 12.31
CA ILE A 45 34.93 4.66 13.35
C ILE A 45 33.86 5.68 12.94
N SER A 46 34.29 6.78 12.33
CA SER A 46 33.35 7.81 11.86
C SER A 46 32.46 7.32 10.71
N ALA A 47 32.96 6.35 9.94
CA ALA A 47 32.18 5.74 8.88
C ALA A 47 30.96 4.94 9.39
N ARG A 48 30.98 4.47 10.65
CA ARG A 48 29.81 3.77 11.17
C ARG A 48 28.65 4.74 11.33
N LEU A 49 27.45 4.23 11.13
CA LEU A 49 26.26 5.02 11.38
C LEU A 49 26.04 5.16 12.89
N TRP A 50 25.81 6.40 13.30
CA TRP A 50 25.73 6.79 14.70
C TRP A 50 24.32 7.27 14.96
N PHE A 51 23.63 6.69 15.94
CA PHE A 51 22.29 7.14 16.31
C PHE A 51 22.27 7.57 17.76
N THR A 52 21.80 8.79 17.99
CA THR A 52 21.74 9.37 19.33
C THR A 52 20.31 9.66 19.71
N TYR A 53 20.10 10.09 20.96
CA TYR A 53 18.84 10.69 21.37
C TYR A 53 18.46 11.76 20.35
N ARG A 54 17.16 11.94 20.15
CA ARG A 54 16.63 13.01 19.32
C ARG A 54 15.50 13.71 20.04
N ARG A 55 15.27 14.96 19.67
CA ARG A 55 14.10 15.70 20.14
C ARG A 55 13.31 16.31 18.98
N LYS A 56 12.09 16.74 19.29
CA LYS A 56 11.17 17.38 18.35
C LYS A 56 10.77 16.51 17.15
N PHE A 57 10.61 15.21 17.38
CA PHE A 57 9.97 14.36 16.39
C PHE A 57 8.50 14.25 16.73
N SER A 58 7.72 13.63 15.84
CA SER A 58 6.27 13.52 16.08
C SER A 58 6.02 12.58 17.26
N PRO A 59 5.19 13.04 18.23
CA PRO A 59 4.91 12.29 19.45
C PRO A 59 4.58 10.82 19.19
N ILE A 60 5.27 9.92 19.88
CA ILE A 60 5.07 8.47 19.68
C ILE A 60 3.67 8.08 20.15
N GLY A 61 2.89 7.49 19.25
CA GLY A 61 1.51 7.12 19.55
C GLY A 61 0.59 8.32 19.72
N GLY A 62 0.99 9.46 19.16
CA GLY A 62 0.16 10.66 19.18
C GLY A 62 0.26 11.53 20.43
N THR A 63 0.31 10.91 21.61
CA THR A 63 0.39 11.64 22.88
C THR A 63 1.61 11.28 23.69
N GLY A 64 2.44 10.39 23.14
CA GLY A 64 3.64 9.92 23.81
C GLY A 64 4.81 10.86 23.59
N PRO A 65 6.02 10.43 23.97
CA PRO A 65 7.23 11.27 23.93
C PRO A 65 7.57 11.79 22.53
N SER A 66 8.08 13.03 22.47
CA SER A 66 8.52 13.65 21.22
C SER A 66 10.05 13.72 21.21
N SER A 67 10.65 13.17 22.28
CA SER A 67 12.08 12.98 22.41
C SER A 67 12.33 11.68 23.15
N ASP A 68 13.42 11.00 22.82
CA ASP A 68 13.81 9.80 23.56
C ASP A 68 14.95 10.04 24.56
N ALA A 69 15.30 11.30 24.78
CA ALA A 69 16.35 11.65 25.74
C ALA A 69 15.94 11.14 27.12
N GLY A 70 16.87 10.50 27.80
CA GLY A 70 16.64 9.95 29.14
C GLY A 70 16.18 8.50 29.17
N TRP A 71 15.76 7.94 28.03
CA TRP A 71 15.20 6.59 28.03
C TRP A 71 15.48 5.73 26.81
N GLY A 72 15.76 6.36 25.66
CA GLY A 72 15.89 5.61 24.41
C GLY A 72 17.25 4.97 24.06
N CYS A 73 18.21 4.99 24.98
CA CYS A 73 19.60 4.66 24.61
C CYS A 73 19.84 3.23 24.14
N MET A 74 19.21 2.23 24.75
CA MET A 74 19.36 0.86 24.25
C MET A 74 18.73 0.67 22.85
N LEU A 75 17.64 1.38 22.60
CA LEU A 75 17.02 1.39 21.26
C LEU A 75 17.98 1.98 20.23
N ARG A 76 18.67 3.05 20.60
CA ARG A 76 19.66 3.66 19.70
C ARG A 76 20.83 2.73 19.41
N CYS A 77 21.30 2.01 20.43
CA CYS A 77 22.39 1.05 20.26
C CYS A 77 21.95 -0.11 19.36
N GLY A 78 20.72 -0.60 19.57
CA GLY A 78 20.11 -1.58 18.65
C GLY A 78 20.07 -1.09 17.21
N GLN A 79 19.71 0.18 17.01
CA GLN A 79 19.69 0.78 15.67
C GLN A 79 21.09 0.76 15.06
N MET A 80 22.09 1.14 15.86
CA MET A 80 23.46 1.20 15.37
C MET A 80 23.96 -0.18 14.97
N MET A 81 23.68 -1.20 15.80
CA MET A 81 24.06 -2.56 15.48
C MET A 81 23.40 -3.07 14.21
N LEU A 82 22.09 -2.84 14.08
CA LEU A 82 21.37 -3.31 12.91
C LEU A 82 21.81 -2.55 11.65
N ALA A 83 22.04 -1.25 11.78
CA ALA A 83 22.48 -0.42 10.65
C ALA A 83 23.79 -0.96 10.10
N GLN A 84 24.71 -1.28 11.01
CA GLN A 84 26.00 -1.85 10.64
C GLN A 84 25.81 -3.13 9.81
N ALA A 85 24.87 -3.98 10.23
CA ALA A 85 24.55 -5.21 9.50
C ALA A 85 24.03 -4.92 8.09
N LEU A 86 23.11 -3.97 8.00
CA LEU A 86 22.52 -3.59 6.71
C LEU A 86 23.58 -2.98 5.75
N ILE A 87 24.43 -2.12 6.30
CA ILE A 87 25.52 -1.53 5.52
C ILE A 87 26.43 -2.63 4.96
N CYS A 88 26.86 -3.54 5.83
CA CYS A 88 27.68 -4.66 5.43
C CYS A 88 26.99 -5.54 4.39
N ARG A 89 25.70 -5.80 4.58
CA ARG A 89 24.92 -6.62 3.66
C ARG A 89 24.92 -6.05 2.23
N HIS A 90 24.62 -4.76 2.11
CA HIS A 90 24.47 -4.14 0.80
C HIS A 90 25.76 -3.57 0.21
N LEU A 91 26.61 -3.02 1.08
CA LEU A 91 27.75 -2.22 0.63
C LEU A 91 29.12 -2.79 1.01
N GLY A 92 29.15 -3.61 2.05
CA GLY A 92 30.40 -4.23 2.50
C GLY A 92 31.00 -3.54 3.72
N ARG A 93 31.81 -4.30 4.46
CA ARG A 93 32.48 -3.80 5.66
C ARG A 93 33.46 -2.66 5.35
N ASP A 94 34.10 -2.73 4.17
CA ASP A 94 35.12 -1.75 3.77
C ASP A 94 34.56 -0.43 3.21
N TRP A 95 33.26 -0.36 3.01
CA TRP A 95 32.62 0.79 2.37
C TRP A 95 32.62 2.00 3.31
N SER A 96 32.91 3.18 2.78
CA SER A 96 32.79 4.41 3.58
C SER A 96 32.10 5.53 2.82
N TRP A 97 31.20 6.21 3.53
CA TRP A 97 30.47 7.34 2.96
C TRP A 97 31.42 8.46 2.51
N GLU A 98 32.65 8.44 3.04
CA GLU A 98 33.65 9.47 2.73
C GLU A 98 34.46 9.24 1.46
N LYS A 99 34.38 8.04 0.89
CA LYS A 99 35.31 7.67 -0.18
C LYS A 99 34.82 7.95 -1.61
N GLN A 100 33.60 8.45 -1.74
CA GLN A 100 33.04 8.80 -3.06
C GLN A 100 32.07 9.97 -2.96
N LYS A 101 31.80 10.61 -4.10
CA LYS A 101 30.91 11.76 -4.17
C LYS A 101 29.47 11.31 -4.45
N GLU A 102 29.27 10.53 -5.51
CA GLU A 102 27.96 9.94 -5.78
C GLU A 102 27.79 8.69 -4.90
N GLN A 103 26.90 8.79 -3.92
CA GLN A 103 26.65 7.66 -3.01
C GLN A 103 25.84 6.56 -3.71
N PRO A 104 26.10 5.30 -3.37
CA PRO A 104 25.22 4.23 -3.87
C PRO A 104 23.83 4.45 -3.24
N LYS A 105 22.77 4.06 -3.94
CA LYS A 105 21.42 4.37 -3.49
C LYS A 105 21.04 3.68 -2.18
N GLU A 106 21.67 2.54 -1.89
CA GLU A 106 21.44 1.79 -0.65
C GLU A 106 21.80 2.56 0.61
N TYR A 107 22.76 3.49 0.50
CA TYR A 107 23.20 4.25 1.69
C TYR A 107 22.07 5.08 2.28
N GLN A 108 21.51 6.00 1.50
CA GLN A 108 20.36 6.80 1.98
C GLN A 108 19.16 5.92 2.32
N ARG A 109 18.95 4.83 1.57
CA ARG A 109 17.83 3.94 1.86
C ARG A 109 17.99 3.23 3.23
N ILE A 110 19.20 2.76 3.53
CA ILE A 110 19.49 2.19 4.85
C ILE A 110 19.32 3.25 5.93
N LEU A 111 20.00 4.38 5.79
CA LEU A 111 19.87 5.46 6.78
C LEU A 111 18.40 5.83 7.08
N GLN A 112 17.59 5.97 6.04
CA GLN A 112 16.22 6.43 6.22
C GLN A 112 15.30 5.42 6.92
N CYS A 113 15.76 4.17 7.05
CA CYS A 113 15.03 3.16 7.83
C CYS A 113 14.99 3.54 9.30
N PHE A 114 15.92 4.41 9.70
CA PHE A 114 16.14 4.76 11.11
C PHE A 114 15.73 6.20 11.46
N LEU A 115 15.06 6.88 10.53
CA LEU A 115 14.56 8.23 10.79
C LEU A 115 13.50 8.18 11.89
N ASP A 116 13.36 9.28 12.64
CA ASP A 116 12.42 9.29 13.77
C ASP A 116 11.01 9.56 13.28
N ARG A 117 10.50 8.64 12.46
CA ARG A 117 9.16 8.73 11.87
C ARG A 117 8.50 7.37 11.95
N LYS A 118 7.20 7.38 12.25
CA LYS A 118 6.38 6.17 12.30
C LYS A 118 6.45 5.36 11.00
N ASP A 119 6.59 6.03 9.86
CA ASP A 119 6.58 5.32 8.58
C ASP A 119 7.93 4.70 8.21
N CYS A 120 8.91 4.82 9.10
CA CYS A 120 10.23 4.21 8.89
C CYS A 120 10.36 2.94 9.75
N CYS A 121 10.72 1.84 9.11
N CYS A 121 10.70 1.84 9.09
CA CYS A 121 10.56 0.49 9.69
CA CYS A 121 10.59 0.48 9.68
C CYS A 121 11.40 0.22 10.94
C CYS A 121 11.33 0.31 11.00
N TYR A 122 12.50 0.95 11.11
CA TYR A 122 13.33 0.80 12.31
C TYR A 122 13.44 2.09 13.11
N SER A 123 12.44 2.95 12.95
CA SER A 123 12.41 4.22 13.69
C SER A 123 12.34 3.99 15.18
N ILE A 124 12.72 5.02 15.94
CA ILE A 124 12.47 5.04 17.39
C ILE A 124 10.99 4.71 17.69
N HIS A 125 10.08 5.28 16.89
CA HIS A 125 8.63 5.03 17.00
C HIS A 125 8.28 3.56 16.95
N GLN A 126 8.78 2.87 15.93
CA GLN A 126 8.48 1.46 15.72
C GLN A 126 9.12 0.59 16.79
N MET A 127 10.33 0.94 17.21
CA MET A 127 11.03 0.16 18.22
C MET A 127 10.33 0.24 19.57
N ALA A 128 9.99 1.46 20.00
CA ALA A 128 9.27 1.67 21.26
C ALA A 128 7.90 0.98 21.22
N GLN A 129 7.19 1.12 20.10
CA GLN A 129 5.89 0.50 19.93
C GLN A 129 5.99 -1.04 19.98
N MET A 130 7.03 -1.60 19.36
CA MET A 130 7.25 -3.05 19.41
C MET A 130 7.59 -3.52 20.82
N GLY A 131 8.26 -2.67 21.60
CA GLY A 131 8.57 -2.96 23.00
C GLY A 131 7.31 -3.21 23.84
N VAL A 132 6.21 -2.57 23.47
CA VAL A 132 4.92 -2.78 24.14
C VAL A 132 4.49 -4.25 24.09
N GLY A 133 4.71 -4.89 22.94
CA GLY A 133 4.43 -6.32 22.79
C GLY A 133 5.32 -7.22 23.64
N GLU A 134 6.42 -6.68 24.14
CA GLU A 134 7.29 -7.39 25.10
C GLU A 134 6.96 -7.05 26.54
N GLY A 135 5.89 -6.27 26.75
CA GLY A 135 5.46 -5.89 28.10
C GLY A 135 6.20 -4.67 28.63
N LYS A 136 6.65 -3.79 27.73
CA LYS A 136 7.34 -2.56 28.13
C LYS A 136 6.61 -1.34 27.58
N SER A 137 6.19 -0.46 28.49
CA SER A 137 5.56 0.79 28.11
C SER A 137 6.45 1.66 27.21
N ILE A 138 5.84 2.38 26.28
CA ILE A 138 6.55 3.40 25.54
C ILE A 138 7.18 4.37 26.55
N GLY A 139 8.50 4.54 26.45
CA GLY A 139 9.25 5.40 27.37
C GLY A 139 10.09 4.65 28.39
N GLU A 140 9.90 3.33 28.45
CA GLU A 140 10.71 2.48 29.32
C GLU A 140 12.04 2.15 28.65
N TRP A 141 13.10 2.17 29.45
CA TRP A 141 14.38 1.59 29.09
C TRP A 141 14.26 0.09 29.28
N PHE A 142 14.81 -0.69 28.34
CA PHE A 142 14.97 -2.13 28.54
C PHE A 142 16.31 -2.62 28.00
N GLY A 143 16.70 -3.82 28.43
CA GLY A 143 18.02 -4.36 28.18
C GLY A 143 18.23 -5.06 26.85
N PRO A 144 19.41 -5.67 26.66
CA PRO A 144 19.84 -6.27 25.41
C PRO A 144 18.95 -7.40 24.89
N ASN A 145 18.47 -8.30 25.75
CA ASN A 145 17.57 -9.36 25.29
C ASN A 145 16.24 -8.83 24.73
N THR A 146 15.68 -7.84 25.41
CA THR A 146 14.41 -7.24 24.97
C THR A 146 14.57 -6.51 23.63
N VAL A 147 15.60 -5.67 23.51
CA VAL A 147 15.84 -4.99 22.25
C VAL A 147 16.13 -5.99 21.12
N ALA A 148 16.77 -7.13 21.45
CA ALA A 148 17.02 -8.20 20.47
C ALA A 148 15.71 -8.77 19.90
N GLN A 149 14.75 -9.04 20.79
CA GLN A 149 13.42 -9.53 20.38
C GLN A 149 12.69 -8.48 19.54
N VAL A 150 12.83 -7.21 19.94
CA VAL A 150 12.26 -6.09 19.19
C VAL A 150 12.79 -6.07 17.76
N LEU A 151 14.11 -6.20 17.62
CA LEU A 151 14.75 -6.21 16.31
C LEU A 151 14.24 -7.37 15.46
N LYS A 152 14.14 -8.56 16.10
CA LYS A 152 13.66 -9.75 15.43
C LYS A 152 12.22 -9.57 14.90
N LYS A 153 11.36 -8.92 15.68
CA LYS A 153 9.98 -8.71 15.22
C LYS A 153 9.93 -7.68 14.09
N LEU A 154 10.62 -6.56 14.27
CA LEU A 154 10.64 -5.51 13.23
C LEU A 154 11.20 -5.97 11.88
N ALA A 155 12.17 -6.89 11.92
CA ALA A 155 12.73 -7.47 10.71
C ALA A 155 11.67 -8.22 9.86
N LEU A 156 10.64 -8.74 10.52
CA LEU A 156 9.50 -9.36 9.82
C LEU A 156 8.80 -8.41 8.84
N PHE A 157 8.94 -7.11 9.08
CA PHE A 157 8.22 -6.13 8.29
C PHE A 157 9.07 -5.51 7.19
N ASP A 158 10.34 -5.88 7.14
CA ASP A 158 11.29 -5.35 6.18
C ASP A 158 11.44 -6.37 5.04
N GLU A 159 10.69 -6.18 3.98
CA GLU A 159 10.77 -7.10 2.84
C GLU A 159 11.99 -6.84 1.95
N TRP A 160 12.50 -5.61 1.96
CA TRP A 160 13.71 -5.28 1.21
C TRP A 160 14.88 -6.17 1.64
N ASN A 161 15.19 -6.14 2.93
CA ASN A 161 16.34 -6.86 3.47
C ASN A 161 16.09 -8.35 3.71
N SER A 162 14.85 -8.70 4.06
CA SER A 162 14.47 -10.09 4.28
C SER A 162 15.51 -10.84 5.15
N LEU A 163 15.81 -10.26 6.32
CA LEU A 163 16.80 -10.80 7.26
C LEU A 163 16.26 -11.94 8.08
N ALA A 164 17.12 -12.91 8.38
CA ALA A 164 16.86 -13.85 9.46
C ALA A 164 17.47 -13.24 10.73
N VAL A 165 16.72 -13.26 11.82
CA VAL A 165 17.26 -12.78 13.09
C VAL A 165 17.18 -13.93 14.08
N TYR A 166 18.35 -14.34 14.57
CA TYR A 166 18.43 -15.42 15.57
C TYR A 166 18.85 -14.81 16.87
N VAL A 167 18.04 -15.00 17.90
CA VAL A 167 18.39 -14.57 19.25
C VAL A 167 18.57 -15.83 20.11
N SER A 168 19.79 -16.09 20.55
CA SER A 168 20.06 -17.28 21.33
C SER A 168 19.35 -17.24 22.69
N MET A 169 19.02 -18.40 23.22
N MET A 169 19.02 -18.40 23.20
CA MET A 169 18.52 -18.51 24.59
CA MET A 169 18.53 -18.57 24.56
C MET A 169 19.47 -19.41 25.39
C MET A 169 19.58 -19.34 25.38
N ASP A 170 19.52 -19.18 26.70
CA ASP A 170 20.38 -19.95 27.63
C ASP A 170 21.86 -20.05 27.21
N ASN A 171 22.43 -18.93 26.76
CA ASN A 171 23.83 -18.86 26.31
C ASN A 171 24.21 -19.85 25.21
N THR A 172 23.24 -20.33 24.45
CA THR A 172 23.46 -21.44 23.52
C THR A 172 23.02 -21.12 22.10
N VAL A 173 23.95 -21.28 21.17
CA VAL A 173 23.67 -21.08 19.76
C VAL A 173 23.56 -22.46 19.12
N VAL A 174 22.45 -22.71 18.43
CA VAL A 174 22.17 -24.03 17.83
C VAL A 174 22.30 -23.97 16.32
N ILE A 175 23.26 -24.74 15.79
CA ILE A 175 23.57 -24.70 14.35
C ILE A 175 22.38 -25.10 13.49
N GLU A 176 21.72 -26.21 13.83
CA GLU A 176 20.66 -26.70 12.97
C GLU A 176 19.45 -25.78 12.95
N ASP A 177 19.18 -25.09 14.07
CA ASP A 177 18.07 -24.14 14.15
C ASP A 177 18.35 -22.94 13.24
N ILE A 178 19.58 -22.47 13.27
CA ILE A 178 19.99 -21.35 12.44
C ILE A 178 19.83 -21.71 10.97
N LYS A 179 20.32 -22.88 10.58
CA LYS A 179 20.25 -23.31 9.20
C LYS A 179 18.82 -23.52 8.73
N LYS A 180 17.96 -24.04 9.61
CA LYS A 180 16.54 -24.14 9.28
C LYS A 180 15.90 -22.74 9.10
N MET A 181 16.37 -21.77 9.87
CA MET A 181 15.86 -20.41 9.83
C MET A 181 16.31 -19.64 8.57
N CYS A 182 17.52 -19.93 8.10
CA CYS A 182 18.13 -19.18 6.98
C CYS A 182 18.00 -19.81 5.60
N ARG A 183 17.91 -21.14 5.53
CA ARG A 183 17.76 -21.83 4.26
C ARG A 183 16.32 -21.72 3.81
N VAL A 184 16.12 -21.17 2.62
CA VAL A 184 14.78 -21.00 2.09
C VAL A 184 14.55 -21.93 0.89
N LEU A 185 13.41 -22.60 0.89
CA LEU A 185 13.02 -23.49 -0.21
C LEU A 185 13.15 -22.78 -1.56
N PRO A 186 13.59 -23.50 -2.60
CA PRO A 186 13.57 -22.91 -3.95
C PRO A 186 12.16 -22.42 -4.25
N LEU A 187 12.04 -21.27 -4.93
CA LEU A 187 10.74 -20.72 -5.30
C LEU A 187 10.07 -21.53 -6.41
N SER A 188 10.88 -22.18 -7.24
CA SER A 188 10.39 -22.85 -8.44
C SER A 188 10.93 -24.29 -8.56
N ALA A 189 10.10 -25.18 -9.10
CA ALA A 189 10.40 -26.62 -9.18
C ALA A 189 11.59 -26.93 -10.10
N TYR A 212 15.31 -21.99 -8.45
CA TYR A 212 15.50 -23.44 -8.55
C TYR A 212 16.46 -24.00 -7.48
N CYS A 213 17.07 -23.12 -6.69
CA CYS A 213 17.99 -23.52 -5.62
C CYS A 213 17.63 -22.85 -4.29
N SER A 214 18.02 -23.49 -3.19
CA SER A 214 17.80 -22.94 -1.84
C SER A 214 18.65 -21.69 -1.61
N ALA A 215 17.98 -20.58 -1.34
CA ALA A 215 18.67 -19.35 -0.97
C ALA A 215 19.04 -19.39 0.52
N TRP A 216 19.90 -18.48 0.93
CA TRP A 216 20.24 -18.25 2.33
C TRP A 216 19.90 -16.81 2.69
N LYS A 217 18.99 -16.63 3.65
CA LYS A 217 18.67 -15.31 4.18
C LYS A 217 19.86 -14.79 4.98
N PRO A 218 20.37 -13.58 4.67
CA PRO A 218 21.43 -13.00 5.50
C PRO A 218 21.00 -12.97 6.97
N LEU A 219 21.94 -13.29 7.84
CA LEU A 219 21.62 -13.56 9.24
C LEU A 219 22.19 -12.51 10.17
N LEU A 220 21.31 -11.94 10.99
CA LEU A 220 21.69 -11.18 12.18
C LEU A 220 21.61 -12.14 13.38
N LEU A 221 22.78 -12.43 13.96
CA LEU A 221 22.90 -13.40 15.04
C LEU A 221 23.22 -12.65 16.32
N ILE A 222 22.29 -12.71 17.29
CA ILE A 222 22.41 -11.98 18.55
C ILE A 222 22.49 -12.97 19.72
N VAL A 223 23.47 -12.76 20.59
CA VAL A 223 23.74 -13.62 21.72
C VAL A 223 23.74 -12.81 23.04
N PRO A 224 22.56 -12.71 23.71
CA PRO A 224 22.50 -12.11 25.04
C PRO A 224 23.23 -12.97 26.06
N LEU A 225 24.04 -12.33 26.90
CA LEU A 225 24.84 -13.01 27.91
C LEU A 225 24.85 -12.21 29.20
N ARG A 226 25.03 -12.92 30.31
CA ARG A 226 25.25 -12.30 31.62
C ARG A 226 26.60 -12.82 32.09
N LEU A 227 27.61 -11.95 32.07
CA LEU A 227 29.01 -12.38 32.26
C LEU A 227 29.53 -12.26 33.71
N GLY A 228 28.60 -12.11 34.64
CA GLY A 228 28.94 -11.95 36.06
C GLY A 228 27.74 -11.42 36.79
N ILE A 229 27.88 -11.22 38.09
CA ILE A 229 26.77 -10.73 38.91
C ILE A 229 26.73 -9.20 38.93
N ASN A 230 27.83 -8.55 39.30
CA ASN A 230 27.90 -7.07 39.26
C ASN A 230 28.87 -6.49 38.24
N GLN A 231 29.90 -7.26 37.90
CA GLN A 231 30.85 -6.86 36.87
C GLN A 231 31.30 -8.08 36.08
N ILE A 232 31.93 -7.84 34.95
CA ILE A 232 32.36 -8.93 34.07
C ILE A 232 33.42 -9.77 34.78
N ASN A 233 33.14 -11.07 34.87
CA ASN A 233 34.11 -12.04 35.38
C ASN A 233 35.35 -12.02 34.49
N PRO A 234 36.52 -11.74 35.07
CA PRO A 234 37.77 -11.69 34.31
C PRO A 234 38.02 -12.90 33.42
N VAL A 235 37.46 -14.06 33.78
CA VAL A 235 37.60 -15.27 32.96
C VAL A 235 37.04 -15.14 31.53
N TYR A 236 36.10 -14.21 31.32
CA TYR A 236 35.48 -14.06 30.00
C TYR A 236 36.16 -13.02 29.10
N VAL A 237 37.09 -12.25 29.69
CA VAL A 237 37.69 -11.10 29.01
C VAL A 237 38.33 -11.46 27.66
N ASP A 238 39.19 -12.48 27.63
CA ASP A 238 39.85 -12.89 26.38
C ASP A 238 38.86 -13.31 25.30
N ALA A 239 37.85 -14.08 25.68
CA ALA A 239 36.84 -14.54 24.73
C ALA A 239 36.02 -13.38 24.23
N PHE A 240 35.69 -12.45 25.12
CA PHE A 240 34.93 -11.26 24.73
C PHE A 240 35.71 -10.49 23.67
N LYS A 241 37.01 -10.29 23.90
CA LYS A 241 37.87 -9.62 22.91
C LYS A 241 37.91 -10.34 21.55
N GLU A 242 38.02 -11.67 21.59
CA GLU A 242 38.03 -12.52 20.38
C GLU A 242 36.84 -12.28 19.46
N CYS A 243 35.68 -12.00 20.04
CA CYS A 243 34.47 -11.75 19.26
C CYS A 243 34.63 -10.57 18.32
N PHE A 244 35.31 -9.51 18.78
CA PHE A 244 35.49 -8.28 17.98
C PHE A 244 36.48 -8.47 16.83
N LYS A 245 37.23 -9.56 16.86
CA LYS A 245 38.24 -9.87 15.85
C LYS A 245 37.67 -10.67 14.67
N MET A 246 36.51 -11.27 14.86
CA MET A 246 35.88 -12.08 13.81
C MET A 246 35.28 -11.17 12.73
N PRO A 247 35.42 -11.54 11.45
CA PRO A 247 34.94 -10.68 10.37
C PRO A 247 33.43 -10.45 10.43
N GLN A 248 32.71 -11.37 11.07
CA GLN A 248 31.26 -11.30 11.18
C GLN A 248 30.78 -10.39 12.32
N SER A 249 31.73 -9.89 13.12
CA SER A 249 31.38 -9.15 14.34
C SER A 249 30.68 -7.81 14.08
N LEU A 250 29.51 -7.67 14.72
CA LEU A 250 28.77 -6.41 14.81
C LEU A 250 29.01 -5.77 16.17
N GLY A 251 30.01 -6.27 16.90
CA GLY A 251 30.31 -5.76 18.24
C GLY A 251 29.32 -6.30 19.25
N ALA A 252 28.88 -5.43 20.16
CA ALA A 252 28.01 -5.83 21.29
C ALA A 252 27.17 -4.67 21.80
N LEU A 253 26.00 -5.01 22.32
CA LEU A 253 25.12 -4.06 23.00
C LEU A 253 25.34 -4.21 24.47
N GLY A 254 25.40 -3.11 25.22
CA GLY A 254 25.61 -3.21 26.66
C GLY A 254 25.42 -1.94 27.46
N GLY A 255 25.73 -2.00 28.75
CA GLY A 255 25.68 -0.86 29.64
C GLY A 255 24.60 -0.98 30.71
N LYS A 256 24.72 -0.13 31.73
CA LYS A 256 23.74 -0.04 32.81
C LYS A 256 22.42 0.53 32.30
N PRO A 257 21.31 0.32 33.06
CA PRO A 257 20.07 1.01 32.72
C PRO A 257 20.29 2.50 32.45
N ASN A 258 19.76 2.97 31.33
CA ASN A 258 19.89 4.36 30.88
C ASN A 258 21.32 4.81 30.58
N ASN A 259 22.23 3.83 30.46
CA ASN A 259 23.61 4.10 30.10
C ASN A 259 24.11 3.06 29.10
N ALA A 260 23.31 2.84 28.06
CA ALA A 260 23.61 1.83 27.05
C ALA A 260 24.62 2.33 26.04
N TYR A 261 25.60 1.48 25.71
CA TYR A 261 26.59 1.83 24.69
C TYR A 261 26.66 0.75 23.62
N TYR A 262 27.08 1.15 22.43
CA TYR A 262 27.31 0.22 21.34
C TYR A 262 28.81 -0.02 21.22
N PHE A 263 29.28 -1.18 21.70
CA PHE A 263 30.71 -1.53 21.68
C PHE A 263 31.12 -2.04 20.33
N ILE A 264 32.17 -1.45 19.77
CA ILE A 264 32.56 -1.74 18.40
C ILE A 264 33.97 -2.31 18.28
N GLY A 265 34.71 -2.27 19.38
CA GLY A 265 36.03 -2.83 19.39
C GLY A 265 36.76 -2.67 20.70
N PHE A 266 38.09 -2.84 20.64
CA PHE A 266 38.92 -2.79 21.82
C PHE A 266 40.37 -2.47 21.48
N LEU A 267 41.07 -2.02 22.51
CA LEU A 267 42.49 -1.75 22.48
C LEU A 267 42.97 -2.04 23.90
N GLY A 268 43.93 -2.96 24.02
CA GLY A 268 44.43 -3.37 25.31
C GLY A 268 43.27 -3.87 26.16
N ASP A 269 43.11 -3.31 27.35
CA ASP A 269 41.98 -3.68 28.21
C ASP A 269 40.90 -2.62 28.21
N GLU A 270 40.84 -1.84 27.13
CA GLU A 270 39.79 -0.85 26.98
C GLU A 270 38.88 -1.20 25.80
N LEU A 271 37.57 -1.09 26.03
CA LEU A 271 36.60 -1.20 24.94
C LEU A 271 36.39 0.17 24.30
N ILE A 272 36.10 0.14 23.00
CA ILE A 272 35.77 1.34 22.21
C ILE A 272 34.29 1.26 21.86
N PHE A 273 33.59 2.38 22.01
CA PHE A 273 32.14 2.39 21.81
C PHE A 273 31.60 3.66 21.16
N LEU A 274 30.37 3.55 20.64
CA LEU A 274 29.62 4.68 20.16
C LEU A 274 28.57 5.00 21.21
N ASP A 275 28.42 6.29 21.50
CA ASP A 275 27.62 6.77 22.62
C ASP A 275 26.42 7.56 22.12
N PRO A 276 25.20 7.05 22.38
CA PRO A 276 23.99 7.75 21.95
C PRO A 276 23.53 8.90 22.87
N HIS A 277 24.27 9.16 23.96
N HIS A 277 24.27 9.16 23.95
CA HIS A 277 23.81 10.12 24.98
CA HIS A 277 23.88 10.13 24.97
C HIS A 277 24.09 11.60 24.68
C HIS A 277 24.25 11.58 24.61
N THR A 278 23.75 12.01 23.45
CA THR A 278 23.76 13.43 23.05
C THR A 278 22.40 13.63 22.43
N THR A 279 21.71 14.71 22.80
CA THR A 279 20.41 15.01 22.21
C THR A 279 20.59 15.91 20.99
N GLN A 280 20.17 15.40 19.83
CA GLN A 280 20.20 16.13 18.59
C GLN A 280 18.75 16.32 18.12
N THR A 281 18.56 17.21 17.15
CA THR A 281 17.24 17.50 16.60
C THR A 281 16.88 16.51 15.51
N PHE A 282 15.62 16.08 15.53
CA PHE A 282 15.03 15.29 14.47
C PHE A 282 15.45 15.81 13.09
N VAL A 283 15.98 14.92 12.26
CA VAL A 283 16.34 15.22 10.89
C VAL A 283 15.31 14.57 9.97
N ASP A 284 14.67 15.38 9.13
CA ASP A 284 13.69 14.86 8.18
C ASP A 284 14.25 14.98 6.77
N THR A 285 13.53 14.44 5.81
CA THR A 285 13.99 14.42 4.43
C THR A 285 13.88 15.80 3.80
N GLU A 286 14.79 16.08 2.87
CA GLU A 286 14.75 17.29 2.07
C GLU A 286 13.87 17.06 0.84
N GLU A 287 13.65 18.13 0.08
CA GLU A 287 12.77 18.07 -1.10
C GLU A 287 13.23 17.02 -2.13
N ASN A 288 14.54 16.78 -2.24
CA ASN A 288 15.05 15.76 -3.15
C ASN A 288 15.00 14.33 -2.61
N GLY A 289 14.34 14.13 -1.48
CA GLY A 289 14.15 12.79 -0.90
C GLY A 289 15.29 12.28 -0.03
N THR A 290 16.41 13.00 -0.03
CA THR A 290 17.54 12.60 0.80
C THR A 290 17.50 13.32 2.14
N VAL A 291 18.31 12.82 3.06
CA VAL A 291 18.41 13.39 4.38
C VAL A 291 19.84 13.94 4.56
N ASN A 292 19.98 15.10 5.22
CA ASN A 292 21.31 15.54 5.66
C ASN A 292 21.89 14.49 6.62
N ASP A 293 23.06 13.95 6.27
CA ASP A 293 23.63 12.82 7.04
C ASP A 293 24.74 13.16 8.04
N GLN A 294 25.03 14.46 8.19
CA GLN A 294 26.17 14.90 9.00
C GLN A 294 26.08 14.45 10.46
N THR A 295 24.89 14.52 11.04
CA THR A 295 24.72 14.17 12.46
C THR A 295 24.63 12.66 12.72
N PHE A 296 24.73 11.86 11.66
CA PHE A 296 24.67 10.38 11.79
C PHE A 296 26.05 9.73 11.69
N HIS A 297 27.10 10.56 11.78
CA HIS A 297 28.48 10.07 11.77
C HIS A 297 29.20 10.78 12.92
N CYS A 298 29.82 9.98 13.79
CA CYS A 298 30.51 10.53 14.97
C CYS A 298 31.96 10.85 14.66
N LEU A 299 32.30 12.13 14.80
CA LEU A 299 33.59 12.67 14.36
C LEU A 299 34.56 12.87 15.53
N GLN A 300 34.09 12.57 16.74
CA GLN A 300 34.88 12.72 17.97
C GLN A 300 36.03 11.73 18.06
N SER A 301 36.93 11.97 19.01
CA SER A 301 37.90 10.99 19.45
C SER A 301 37.18 9.70 19.86
N PRO A 302 37.81 8.54 19.61
CA PRO A 302 37.18 7.27 20.03
C PRO A 302 36.80 7.32 21.51
N GLN A 303 35.63 6.78 21.85
CA GLN A 303 35.17 6.71 23.23
C GLN A 303 35.64 5.40 23.85
N ARG A 304 36.30 5.48 25.00
CA ARG A 304 36.91 4.31 25.66
C ARG A 304 36.39 4.08 27.09
N MET A 305 36.34 2.81 27.48
CA MET A 305 36.17 2.42 28.89
C MET A 305 36.89 1.10 29.19
N ASN A 306 37.35 0.93 30.43
CA ASN A 306 37.97 -0.32 30.85
C ASN A 306 36.95 -1.46 30.81
N ILE A 307 37.34 -2.60 30.25
CA ILE A 307 36.43 -3.76 30.12
C ILE A 307 35.87 -4.20 31.48
N LEU A 308 36.71 -4.11 32.51
CA LEU A 308 36.31 -4.54 33.85
C LEU A 308 35.20 -3.67 34.45
N ASN A 309 34.94 -2.52 33.85
CA ASN A 309 33.87 -1.62 34.29
C ASN A 309 32.55 -1.85 33.56
N LEU A 310 32.56 -2.79 32.61
CA LEU A 310 31.39 -3.09 31.80
C LEU A 310 30.31 -3.83 32.58
N ASP A 311 29.06 -3.39 32.40
CA ASP A 311 27.92 -4.09 32.97
C ASP A 311 27.95 -5.53 32.45
N PRO A 312 27.72 -6.52 33.34
CA PRO A 312 27.84 -7.93 32.94
C PRO A 312 26.77 -8.36 31.93
N SER A 313 25.72 -7.55 31.78
CA SER A 313 24.64 -7.88 30.87
C SER A 313 24.86 -7.29 29.48
N VAL A 314 25.10 -8.18 28.51
CA VAL A 314 25.50 -7.79 27.16
C VAL A 314 24.73 -8.59 26.10
N ALA A 315 24.86 -8.17 24.84
CA ALA A 315 24.46 -9.04 23.73
C ALA A 315 25.49 -8.88 22.61
N LEU A 316 26.10 -9.99 22.24
CA LEU A 316 26.97 -10.02 21.07
C LEU A 316 26.13 -9.99 19.81
N GLY A 317 26.64 -9.32 18.77
CA GLY A 317 26.01 -9.38 17.47
C GLY A 317 26.99 -9.85 16.43
N PHE A 318 26.49 -10.64 15.49
CA PHE A 318 27.27 -11.11 14.34
C PHE A 318 26.40 -11.06 13.09
N PHE A 319 27.05 -10.89 11.96
CA PHE A 319 26.36 -10.86 10.68
C PHE A 319 26.94 -11.90 9.73
N CYS A 320 26.07 -12.81 9.26
CA CYS A 320 26.49 -13.84 8.33
C CYS A 320 25.66 -13.74 7.04
N LYS A 321 26.26 -13.13 6.03
CA LYS A 321 25.55 -12.81 4.80
C LYS A 321 25.16 -14.07 4.05
N GLU A 322 26.07 -15.04 4.02
CA GLU A 322 25.85 -16.30 3.31
C GLU A 322 26.16 -17.46 4.23
N GLU A 323 25.81 -18.67 3.78
CA GLU A 323 26.03 -19.86 4.58
C GLU A 323 27.49 -20.02 4.94
N LYS A 324 28.38 -19.81 3.97
CA LYS A 324 29.83 -19.92 4.17
C LYS A 324 30.33 -18.98 5.27
N ASP A 325 29.71 -17.80 5.40
CA ASP A 325 30.04 -16.86 6.47
C ASP A 325 29.64 -17.41 7.82
N PHE A 326 28.51 -18.09 7.85
CA PHE A 326 28.06 -18.72 9.10
C PHE A 326 28.94 -19.91 9.46
N ASP A 327 29.25 -20.76 8.49
CA ASP A 327 30.15 -21.90 8.71
C ASP A 327 31.52 -21.40 9.18
N ASN A 328 32.00 -20.32 8.57
CA ASN A 328 33.27 -19.72 9.00
C ASN A 328 33.19 -19.22 10.43
N TRP A 329 32.09 -18.55 10.76
CA TRP A 329 31.87 -18.07 12.13
C TRP A 329 31.93 -19.22 13.14
N CYS A 330 31.24 -20.32 12.82
CA CYS A 330 31.26 -21.51 13.67
C CYS A 330 32.68 -22.00 13.96
N SER A 331 33.51 -22.06 12.91
CA SER A 331 34.92 -22.47 13.06
C SER A 331 35.71 -21.55 13.97
N LEU A 332 35.52 -20.24 13.83
CA LEU A 332 36.24 -19.29 14.66
C LEU A 332 35.82 -19.38 16.12
N VAL A 333 34.53 -19.60 16.34
CA VAL A 333 33.97 -19.75 17.69
C VAL A 333 34.53 -21.04 18.32
N GLN A 334 34.54 -22.11 17.53
CA GLN A 334 35.09 -23.39 17.99
C GLN A 334 36.56 -23.21 18.42
N LYS A 335 37.32 -22.47 17.61
CA LYS A 335 38.73 -22.24 17.87
C LYS A 335 39.01 -21.32 19.05
N GLU A 336 38.29 -20.21 19.14
CA GLU A 336 38.64 -19.10 20.03
C GLU A 336 37.75 -18.97 21.27
N ILE A 337 36.51 -19.46 21.18
CA ILE A 337 35.56 -19.32 22.28
C ILE A 337 35.41 -20.62 23.08
N LEU A 338 35.16 -21.72 22.37
CA LEU A 338 34.82 -22.99 23.00
C LEU A 338 36.03 -23.66 23.65
N LYS A 339 37.24 -23.24 23.28
CA LYS A 339 38.48 -23.77 23.87
C LYS A 339 38.62 -23.45 25.36
N GLU A 340 37.93 -22.40 25.81
CA GLU A 340 38.05 -21.96 27.21
C GLU A 340 37.43 -22.99 28.15
N ASN A 341 38.07 -23.23 29.29
CA ASN A 341 37.51 -24.09 30.33
C ASN A 341 36.14 -23.59 30.78
N LEU A 342 36.04 -22.29 31.01
CA LEU A 342 34.78 -21.60 31.25
C LEU A 342 34.40 -20.87 29.96
N ARG A 343 33.41 -21.41 29.25
CA ARG A 343 33.00 -20.87 27.96
C ARG A 343 32.03 -19.72 28.13
N MET A 344 32.22 -18.68 27.33
CA MET A 344 31.36 -17.50 27.35
C MET A 344 29.98 -17.84 26.79
N PHE A 345 29.95 -18.65 25.73
CA PHE A 345 28.70 -19.22 25.24
C PHE A 345 28.92 -20.58 24.60
N GLU A 346 27.82 -21.28 24.37
CA GLU A 346 27.88 -22.60 23.76
C GLU A 346 27.45 -22.52 22.30
N LEU A 347 28.03 -23.39 21.49
CA LEU A 347 27.65 -23.55 20.11
C LEU A 347 27.50 -25.03 19.86
N VAL A 348 26.26 -25.46 19.61
CA VAL A 348 25.95 -26.89 19.55
C VAL A 348 25.27 -27.21 18.22
N GLN A 349 25.44 -28.45 17.78
CA GLN A 349 24.85 -28.88 16.51
C GLN A 349 23.34 -29.09 16.62
N LYS A 350 22.92 -29.98 17.57
CA LYS A 350 21.52 -30.48 17.68
C LYS A 350 20.81 -29.76 18.84
N HIS A 351 19.53 -29.41 18.54
CA HIS A 351 18.68 -28.67 19.49
C HIS A 351 18.55 -29.48 20.79
N PRO A 352 18.95 -28.86 21.93
CA PRO A 352 19.05 -29.59 23.19
C PRO A 352 17.77 -30.34 23.49
N SER A 353 17.92 -31.60 23.86
CA SER A 353 16.79 -32.44 24.24
C SER A 353 16.23 -31.93 25.57
N HIS A 354 14.92 -32.08 25.74
CA HIS A 354 14.25 -31.67 26.98
C HIS A 354 13.46 -32.85 27.55
N TRP A 355 13.42 -32.95 28.87
CA TRP A 355 12.70 -34.02 29.55
C TRP A 355 11.21 -34.05 29.20
N THR B 21 -27.39 -40.05 35.02
CA THR B 21 -27.63 -39.38 33.70
C THR B 21 -27.69 -37.85 33.83
N ASP B 22 -27.74 -37.17 32.69
CA ASP B 22 -27.88 -35.71 32.60
C ASP B 22 -26.79 -34.92 33.33
N GLU B 23 -25.55 -35.39 33.21
CA GLU B 23 -24.40 -34.70 33.78
C GLU B 23 -24.26 -33.30 33.21
N LEU B 24 -23.60 -32.42 33.97
CA LEU B 24 -23.34 -31.07 33.51
C LEU B 24 -22.08 -31.04 32.63
N VAL B 25 -22.21 -30.48 31.43
CA VAL B 25 -21.11 -30.41 30.48
C VAL B 25 -20.65 -28.96 30.36
N TRP B 26 -19.34 -28.75 30.29
CA TRP B 26 -18.80 -27.42 30.06
C TRP B 26 -18.11 -27.35 28.71
N ILE B 27 -18.44 -26.32 27.95
CA ILE B 27 -17.79 -26.02 26.67
C ILE B 27 -17.41 -24.54 26.66
N LEU B 28 -16.10 -24.24 26.71
CA LEU B 28 -15.60 -22.87 26.56
C LEU B 28 -16.37 -21.84 27.41
N GLY B 29 -16.42 -22.09 28.72
CA GLY B 29 -17.06 -21.20 29.66
C GLY B 29 -18.58 -21.28 29.72
N LYS B 30 -19.18 -22.11 28.88
CA LYS B 30 -20.64 -22.28 28.86
C LYS B 30 -21.05 -23.67 29.31
N GLN B 31 -22.08 -23.75 30.15
CA GLN B 31 -22.59 -25.04 30.61
C GLN B 31 -23.83 -25.54 29.86
N HIS B 32 -23.89 -26.86 29.69
CA HIS B 32 -24.99 -27.53 29.02
C HIS B 32 -25.35 -28.78 29.81
N LEU B 33 -26.64 -29.08 29.93
CA LEU B 33 -27.05 -30.32 30.59
C LEU B 33 -27.06 -31.45 29.55
N LEU B 34 -26.42 -32.58 29.89
CA LEU B 34 -26.16 -33.64 28.90
C LEU B 34 -27.41 -34.22 28.22
N LYS B 35 -28.40 -34.61 29.02
CA LYS B 35 -29.60 -35.24 28.47
C LYS B 35 -30.65 -34.23 28.02
N THR B 36 -31.07 -33.37 28.95
CA THR B 36 -32.14 -32.41 28.69
C THR B 36 -31.78 -31.28 27.73
N GLU B 37 -30.47 -31.05 27.53
CA GLU B 37 -29.99 -30.00 26.63
C GLU B 37 -28.97 -30.54 25.62
N LYS B 38 -29.12 -31.80 25.24
CA LYS B 38 -28.18 -32.45 24.30
C LYS B 38 -28.06 -31.68 22.98
N SER B 39 -29.20 -31.19 22.49
N SER B 39 -29.18 -31.19 22.49
CA SER B 39 -29.28 -30.43 21.25
CA SER B 39 -29.24 -30.44 21.22
C SER B 39 -28.52 -29.11 21.32
C SER B 39 -28.51 -29.11 21.31
N LYS B 40 -28.62 -28.43 22.46
CA LYS B 40 -27.94 -27.17 22.71
C LYS B 40 -26.43 -27.39 22.77
N LEU B 41 -26.02 -28.42 23.50
CA LEU B 41 -24.63 -28.86 23.56
C LEU B 41 -24.09 -29.09 22.14
N LEU B 42 -24.76 -29.95 21.37
CA LEU B 42 -24.33 -30.28 20.01
C LEU B 42 -24.20 -29.08 19.10
N SER B 43 -25.18 -28.18 19.14
N SER B 43 -25.18 -28.18 19.14
CA SER B 43 -25.16 -26.98 18.29
CA SER B 43 -25.17 -26.98 18.29
C SER B 43 -24.07 -25.99 18.71
C SER B 43 -24.02 -26.05 18.70
N ASP B 44 -23.77 -25.96 20.01
CA ASP B 44 -22.69 -25.12 20.50
C ASP B 44 -21.34 -25.62 19.98
N ILE B 45 -21.17 -26.94 19.93
CA ILE B 45 -19.94 -27.54 19.41
C ILE B 45 -19.83 -27.36 17.89
N SER B 46 -20.93 -27.52 17.17
CA SER B 46 -20.91 -27.38 15.71
C SER B 46 -20.79 -25.92 15.28
N ALA B 47 -21.19 -24.99 16.14
CA ALA B 47 -21.03 -23.57 15.87
C ALA B 47 -19.56 -23.08 15.91
N ARG B 48 -18.66 -23.84 16.53
CA ARG B 48 -17.23 -23.46 16.54
C ARG B 48 -16.62 -23.67 15.17
N LEU B 49 -15.68 -22.79 14.82
CA LEU B 49 -14.99 -22.89 13.55
C LEU B 49 -13.99 -24.03 13.60
N TRP B 50 -14.08 -24.90 12.62
CA TRP B 50 -13.33 -26.15 12.60
C TRP B 50 -12.36 -26.08 11.46
N PHE B 51 -11.07 -26.25 11.76
CA PHE B 51 -10.04 -26.27 10.73
C PHE B 51 -9.35 -27.61 10.71
N THR B 52 -9.41 -28.27 9.56
CA THR B 52 -8.78 -29.57 9.39
C THR B 52 -7.61 -29.45 8.42
N TYR B 53 -6.86 -30.54 8.29
CA TYR B 53 -5.95 -30.72 7.16
C TYR B 53 -6.65 -30.33 5.87
N ARG B 54 -5.90 -29.72 4.96
CA ARG B 54 -6.38 -29.46 3.62
C ARG B 54 -5.41 -29.99 2.57
N ARG B 55 -5.90 -30.17 1.35
CA ARG B 55 -5.07 -30.60 0.22
C ARG B 55 -5.38 -29.76 -1.01
N LYS B 56 -4.47 -29.79 -1.98
CA LYS B 56 -4.61 -29.07 -3.23
C LYS B 56 -4.63 -27.54 -3.07
N PHE B 57 -3.95 -27.02 -2.05
CA PHE B 57 -3.71 -25.59 -2.01
C PHE B 57 -2.37 -25.29 -2.70
N SER B 58 -2.06 -24.01 -2.91
CA SER B 58 -0.83 -23.64 -3.62
C SER B 58 0.41 -24.02 -2.78
N PRO B 59 1.42 -24.66 -3.41
CA PRO B 59 2.59 -25.13 -2.66
C PRO B 59 3.17 -24.05 -1.76
N ILE B 60 3.31 -24.34 -0.46
CA ILE B 60 3.87 -23.38 0.49
C ILE B 60 5.30 -23.04 0.09
N GLY B 61 5.56 -21.74 -0.13
CA GLY B 61 6.89 -21.28 -0.52
C GLY B 61 7.26 -21.67 -1.94
N GLY B 62 6.25 -22.04 -2.73
CA GLY B 62 6.47 -22.36 -4.14
C GLY B 62 6.76 -23.82 -4.41
N THR B 63 7.67 -24.42 -3.64
CA THR B 63 8.04 -25.82 -3.85
C THR B 63 7.78 -26.68 -2.62
N GLY B 64 7.15 -26.09 -1.61
CA GLY B 64 6.83 -26.82 -0.39
C GLY B 64 5.55 -27.61 -0.53
N PRO B 65 4.97 -28.06 0.59
CA PRO B 65 3.76 -28.87 0.57
C PRO B 65 2.53 -28.17 -0.02
N SER B 66 1.70 -28.93 -0.72
CA SER B 66 0.38 -28.47 -1.17
C SER B 66 -0.72 -29.09 -0.29
N SER B 67 -0.30 -29.75 0.78
CA SER B 67 -1.20 -30.34 1.78
C SER B 67 -0.48 -30.38 3.10
N ASP B 68 -1.18 -30.11 4.20
CA ASP B 68 -0.55 -30.24 5.53
C ASP B 68 -0.91 -31.56 6.20
N ALA B 69 -1.63 -32.42 5.48
CA ALA B 69 -1.95 -33.75 5.97
C ALA B 69 -0.69 -34.44 6.49
N GLY B 70 -0.74 -34.92 7.73
CA GLY B 70 0.38 -35.64 8.32
C GLY B 70 1.34 -34.81 9.15
N TRP B 71 1.28 -33.47 9.05
CA TRP B 71 2.19 -32.62 9.82
C TRP B 71 1.55 -31.35 10.42
N GLY B 72 0.45 -30.87 9.83
CA GLY B 72 -0.11 -29.57 10.21
C GLY B 72 -1.08 -29.47 11.39
N CYS B 73 -1.28 -30.55 12.14
CA CYS B 73 -2.39 -30.59 13.10
C CYS B 73 -2.31 -29.59 14.25
N MET B 74 -1.11 -29.31 14.77
CA MET B 74 -1.01 -28.29 15.81
C MET B 74 -1.30 -26.88 15.26
N LEU B 75 -0.94 -26.63 13.99
CA LEU B 75 -1.26 -25.36 13.35
C LEU B 75 -2.75 -25.19 13.21
N ARG B 76 -3.41 -26.27 12.79
CA ARG B 76 -4.85 -26.32 12.70
C ARG B 76 -5.52 -26.03 14.04
N CYS B 77 -5.01 -26.62 15.12
CA CYS B 77 -5.55 -26.36 16.47
C CYS B 77 -5.33 -24.91 16.91
N GLY B 78 -4.14 -24.36 16.62
CA GLY B 78 -3.87 -22.94 16.82
C GLY B 78 -4.87 -22.06 16.08
N GLN B 79 -5.16 -22.40 14.82
CA GLN B 79 -6.18 -21.68 14.05
C GLN B 79 -7.56 -21.70 14.71
N MET B 80 -7.99 -22.86 15.19
CA MET B 80 -9.28 -23.00 15.86
C MET B 80 -9.38 -22.19 17.16
N MET B 81 -8.31 -22.17 17.93
CA MET B 81 -8.28 -21.36 19.15
C MET B 81 -8.32 -19.86 18.83
N LEU B 82 -7.53 -19.44 17.85
CA LEU B 82 -7.50 -18.04 17.48
C LEU B 82 -8.85 -17.59 16.92
N ALA B 83 -9.41 -18.39 16.02
CA ALA B 83 -10.71 -18.09 15.41
C ALA B 83 -11.80 -17.92 16.49
N GLN B 84 -11.80 -18.83 17.47
CA GLN B 84 -12.76 -18.72 18.58
C GLN B 84 -12.62 -17.38 19.32
N ALA B 85 -11.38 -16.96 19.56
CA ALA B 85 -11.11 -15.64 20.15
C ALA B 85 -11.66 -14.50 19.28
N LEU B 86 -11.46 -14.63 17.97
CA LEU B 86 -11.95 -13.64 17.01
C LEU B 86 -13.49 -13.60 16.95
N ILE B 87 -14.10 -14.78 16.87
CA ILE B 87 -15.56 -14.92 16.92
C ILE B 87 -16.14 -14.22 18.16
N CYS B 88 -15.58 -14.51 19.32
CA CYS B 88 -16.00 -13.87 20.56
C CYS B 88 -15.77 -12.35 20.56
N ARG B 89 -14.63 -11.91 20.02
CA ARG B 89 -14.29 -10.49 19.98
C ARG B 89 -15.36 -9.67 19.26
N HIS B 90 -15.80 -10.16 18.10
CA HIS B 90 -16.70 -9.41 17.22
C HIS B 90 -18.17 -9.79 17.34
N LEU B 91 -18.45 -11.08 17.52
CA LEU B 91 -19.80 -11.61 17.46
C LEU B 91 -20.34 -12.07 18.80
N GLY B 92 -19.43 -12.28 19.75
CA GLY B 92 -19.81 -12.75 21.09
C GLY B 92 -19.89 -14.26 21.19
N ARG B 93 -19.72 -14.77 22.42
CA ARG B 93 -19.72 -16.21 22.72
C ARG B 93 -21.06 -16.90 22.42
N ASP B 94 -22.14 -16.15 22.55
CA ASP B 94 -23.47 -16.72 22.33
C ASP B 94 -23.91 -16.78 20.85
N TRP B 95 -23.12 -16.18 19.96
CA TRP B 95 -23.42 -16.19 18.52
C TRP B 95 -23.39 -17.61 17.94
N SER B 96 -24.26 -17.87 16.95
CA SER B 96 -24.21 -19.12 16.17
C SER B 96 -24.50 -18.89 14.69
N TRP B 97 -23.82 -19.66 13.83
CA TRP B 97 -23.95 -19.48 12.38
C TRP B 97 -25.24 -20.09 11.79
N GLU B 98 -25.99 -20.80 12.63
CA GLU B 98 -27.23 -21.46 12.21
C GLU B 98 -28.52 -20.74 12.62
N LYS B 99 -28.39 -19.70 13.45
CA LYS B 99 -29.56 -19.04 14.05
C LYS B 99 -30.16 -17.89 13.21
N GLN B 100 -29.48 -17.54 12.12
CA GLN B 100 -29.94 -16.48 11.21
C GLN B 100 -29.44 -16.69 9.78
N LYS B 101 -30.16 -16.13 8.81
CA LYS B 101 -29.74 -16.21 7.41
C LYS B 101 -28.67 -15.16 7.08
N GLU B 102 -29.02 -13.89 7.30
CA GLU B 102 -28.09 -12.78 7.02
C GLU B 102 -26.97 -12.72 8.06
N GLN B 103 -25.81 -13.24 7.69
CA GLN B 103 -24.64 -13.24 8.57
C GLN B 103 -24.04 -11.85 8.70
N PRO B 104 -23.60 -11.49 9.92
CA PRO B 104 -22.81 -10.28 10.14
C PRO B 104 -21.56 -10.32 9.28
N LYS B 105 -21.15 -9.17 8.74
CA LYS B 105 -19.98 -9.07 7.87
C LYS B 105 -18.70 -9.61 8.52
N GLU B 106 -18.60 -9.45 9.84
CA GLU B 106 -17.41 -9.87 10.59
C GLU B 106 -17.13 -11.36 10.48
N TYR B 107 -18.20 -12.16 10.41
CA TYR B 107 -18.07 -13.61 10.37
C TYR B 107 -17.24 -14.05 9.17
N GLN B 108 -17.66 -13.64 7.98
CA GLN B 108 -16.98 -13.97 6.74
C GLN B 108 -15.52 -13.45 6.72
N ARG B 109 -15.31 -12.24 7.23
CA ARG B 109 -13.99 -11.64 7.31
C ARG B 109 -13.06 -12.46 8.24
N ILE B 110 -13.60 -12.89 9.38
CA ILE B 110 -12.85 -13.76 10.30
C ILE B 110 -12.46 -15.05 9.58
N LEU B 111 -13.46 -15.78 9.11
CA LEU B 111 -13.23 -17.06 8.45
C LEU B 111 -12.15 -16.95 7.36
N GLN B 112 -12.24 -15.90 6.54
CA GLN B 112 -11.34 -15.74 5.40
C GLN B 112 -9.86 -15.53 5.76
N CYS B 113 -9.60 -15.09 7.00
CA CYS B 113 -8.23 -15.01 7.53
C CYS B 113 -7.53 -16.37 7.61
N PHE B 114 -8.30 -17.45 7.57
CA PHE B 114 -7.76 -18.79 7.82
C PHE B 114 -7.74 -19.66 6.57
N LEU B 115 -8.10 -19.07 5.43
CA LEU B 115 -8.08 -19.78 4.16
C LEU B 115 -6.65 -20.15 3.79
N ASP B 116 -6.49 -21.24 3.03
CA ASP B 116 -5.16 -21.77 2.73
C ASP B 116 -4.50 -21.07 1.55
N ARG B 117 -4.22 -19.78 1.73
CA ARG B 117 -3.49 -18.99 0.75
C ARG B 117 -2.59 -17.98 1.48
N LYS B 118 -1.43 -17.73 0.89
CA LYS B 118 -0.40 -16.90 1.50
C LYS B 118 -0.87 -15.48 1.82
N ASP B 119 -1.84 -14.97 1.06
CA ASP B 119 -2.34 -13.61 1.27
C ASP B 119 -3.35 -13.50 2.42
N CYS B 120 -3.68 -14.62 3.07
CA CYS B 120 -4.52 -14.59 4.27
C CYS B 120 -3.67 -14.71 5.53
N CYS B 121 -3.89 -13.80 6.48
CA CYS B 121 -2.92 -13.56 7.56
C CYS B 121 -2.70 -14.73 8.49
N TYR B 122 -3.73 -15.56 8.69
CA TYR B 122 -3.58 -16.73 9.56
C TYR B 122 -3.63 -18.07 8.79
N SER B 123 -3.28 -18.03 7.50
CA SER B 123 -3.29 -19.22 6.65
C SER B 123 -2.26 -20.23 7.11
N ILE B 124 -2.44 -21.48 6.69
CA ILE B 124 -1.44 -22.52 6.92
C ILE B 124 -0.06 -22.06 6.40
N HIS B 125 -0.07 -21.34 5.27
CA HIS B 125 1.13 -20.79 4.63
C HIS B 125 1.87 -19.85 5.57
N GLN B 126 1.16 -18.87 6.11
CA GLN B 126 1.75 -17.87 7.01
C GLN B 126 2.22 -18.49 8.32
N MET B 127 1.44 -19.44 8.85
CA MET B 127 1.81 -20.13 10.09
C MET B 127 3.08 -20.98 9.94
N ALA B 128 3.14 -21.76 8.85
CA ALA B 128 4.31 -22.56 8.55
C ALA B 128 5.53 -21.69 8.29
N GLN B 129 5.34 -20.58 7.57
CA GLN B 129 6.42 -19.62 7.32
C GLN B 129 6.94 -18.99 8.61
N MET B 130 6.03 -18.61 9.50
CA MET B 130 6.39 -18.02 10.77
C MET B 130 7.13 -19.02 11.65
N GLY B 131 6.78 -20.30 11.53
CA GLY B 131 7.46 -21.38 12.23
C GLY B 131 8.94 -21.43 11.91
N VAL B 132 9.30 -21.14 10.66
CA VAL B 132 10.71 -21.04 10.25
C VAL B 132 11.52 -20.05 11.11
N GLY B 133 10.90 -18.92 11.44
CA GLY B 133 11.51 -17.93 12.34
C GLY B 133 11.72 -18.45 13.75
N GLU B 134 11.01 -19.53 14.10
CA GLU B 134 11.19 -20.20 15.40
C GLU B 134 12.12 -21.39 15.26
N GLY B 135 12.76 -21.52 14.10
CA GLY B 135 13.74 -22.59 13.87
C GLY B 135 13.13 -23.93 13.49
N LYS B 136 11.91 -23.89 12.95
CA LYS B 136 11.20 -25.09 12.50
C LYS B 136 10.95 -25.03 10.99
N SER B 137 11.56 -25.96 10.27
CA SER B 137 11.38 -26.11 8.83
C SER B 137 9.90 -26.22 8.46
N ILE B 138 9.53 -25.64 7.32
CA ILE B 138 8.19 -25.82 6.77
C ILE B 138 7.94 -27.33 6.60
N GLY B 139 6.90 -27.82 7.28
CA GLY B 139 6.56 -29.23 7.21
C GLY B 139 6.79 -29.95 8.53
N GLU B 140 7.46 -29.27 9.48
CA GLU B 140 7.65 -29.84 10.83
C GLU B 140 6.39 -29.63 11.67
N TRP B 141 6.02 -30.69 12.39
CA TRP B 141 5.09 -30.58 13.50
C TRP B 141 5.85 -29.92 14.65
N PHE B 142 5.18 -29.03 15.38
CA PHE B 142 5.73 -28.49 16.63
C PHE B 142 4.66 -28.27 17.69
N GLY B 143 5.09 -28.24 18.95
CA GLY B 143 4.20 -28.22 20.08
C GLY B 143 3.59 -26.86 20.41
N PRO B 144 2.83 -26.81 21.52
CA PRO B 144 2.02 -25.65 21.88
C PRO B 144 2.79 -24.34 22.14
N ASN B 145 3.96 -24.40 22.78
CA ASN B 145 4.70 -23.15 22.97
C ASN B 145 5.09 -22.51 21.65
N THR B 146 5.58 -23.33 20.71
CA THR B 146 5.96 -22.83 19.39
C THR B 146 4.77 -22.20 18.63
N VAL B 147 3.65 -22.91 18.55
CA VAL B 147 2.47 -22.32 17.89
C VAL B 147 1.97 -21.04 18.60
N ALA B 148 2.07 -21.01 19.93
CA ALA B 148 1.75 -19.79 20.70
C ALA B 148 2.62 -18.62 20.24
N GLN B 149 3.92 -18.86 20.06
CA GLN B 149 4.83 -17.83 19.57
C GLN B 149 4.50 -17.44 18.12
N VAL B 150 4.10 -18.42 17.31
CA VAL B 150 3.69 -18.20 15.91
C VAL B 150 2.46 -17.28 15.86
N LEU B 151 1.48 -17.56 16.72
CA LEU B 151 0.27 -16.74 16.81
C LEU B 151 0.58 -15.31 17.27
N LYS B 152 1.49 -15.18 18.24
CA LYS B 152 1.89 -13.87 18.74
C LYS B 152 2.46 -13.04 17.60
N LYS B 153 3.30 -13.65 16.77
CA LYS B 153 3.95 -12.92 15.69
C LYS B 153 2.97 -12.60 14.55
N LEU B 154 2.13 -13.55 14.18
CA LEU B 154 1.16 -13.29 13.11
C LEU B 154 0.17 -12.18 13.45
N ALA B 155 -0.18 -12.04 14.74
CA ALA B 155 -1.10 -11.00 15.20
C ALA B 155 -0.58 -9.60 14.91
N LEU B 156 0.75 -9.46 14.80
CA LEU B 156 1.39 -8.18 14.47
C LEU B 156 0.98 -7.67 13.09
N PHE B 157 0.55 -8.59 12.22
CA PHE B 157 0.21 -8.25 10.84
C PHE B 157 -1.28 -8.00 10.61
N ASP B 158 -2.07 -8.18 11.67
CA ASP B 158 -3.52 -8.03 11.61
C ASP B 158 -3.95 -6.72 12.25
N GLU B 159 -4.04 -5.68 11.42
CA GLU B 159 -4.46 -4.36 11.90
C GLU B 159 -5.95 -4.29 12.25
N TRP B 160 -6.79 -5.00 11.51
CA TRP B 160 -8.23 -5.07 11.81
C TRP B 160 -8.45 -5.42 13.29
N ASN B 161 -8.01 -6.61 13.66
CA ASN B 161 -8.20 -7.12 15.01
C ASN B 161 -7.31 -6.48 16.06
N SER B 162 -6.06 -6.21 15.70
CA SER B 162 -5.14 -5.44 16.54
C SER B 162 -5.08 -6.04 17.97
N LEU B 163 -4.81 -7.34 18.04
CA LEU B 163 -4.80 -8.09 19.29
C LEU B 163 -3.49 -7.95 20.03
N ALA B 164 -3.58 -7.97 21.36
CA ALA B 164 -2.42 -8.24 22.20
C ALA B 164 -2.39 -9.75 22.41
N VAL B 165 -1.19 -10.33 22.34
CA VAL B 165 -1.00 -11.75 22.61
C VAL B 165 0.05 -11.90 23.70
N TYR B 166 -0.33 -12.55 24.79
CA TYR B 166 0.60 -12.76 25.90
C TYR B 166 0.84 -14.25 26.01
N VAL B 167 2.11 -14.64 25.93
CA VAL B 167 2.47 -16.03 26.13
C VAL B 167 3.31 -16.13 27.40
N SER B 168 2.78 -16.81 28.41
CA SER B 168 3.49 -16.91 29.67
C SER B 168 4.77 -17.72 29.54
N MET B 169 5.75 -17.40 30.37
CA MET B 169 6.96 -18.19 30.52
C MET B 169 7.03 -18.67 31.95
N ASP B 170 7.68 -19.81 32.17
CA ASP B 170 7.92 -20.34 33.51
C ASP B 170 6.62 -20.44 34.33
N ASN B 171 5.54 -20.88 33.69
CA ASN B 171 4.23 -21.08 34.35
C ASN B 171 3.69 -19.85 35.07
N THR B 172 4.13 -18.68 34.67
CA THR B 172 3.82 -17.46 35.42
C THR B 172 3.18 -16.39 34.53
N VAL B 173 2.00 -15.94 34.94
CA VAL B 173 1.29 -14.87 34.26
C VAL B 173 1.50 -13.59 35.07
N VAL B 174 1.96 -12.53 34.41
CA VAL B 174 2.30 -11.27 35.08
C VAL B 174 1.28 -10.16 34.75
N ILE B 175 0.53 -9.74 35.76
CA ILE B 175 -0.55 -8.76 35.59
C ILE B 175 -0.07 -7.44 34.99
N GLU B 176 0.98 -6.86 35.57
CA GLU B 176 1.46 -5.54 35.10
C GLU B 176 2.01 -5.57 33.66
N ASP B 177 2.64 -6.68 33.29
CA ASP B 177 3.12 -6.85 31.92
C ASP B 177 1.97 -6.91 30.92
N ILE B 178 0.87 -7.58 31.30
CA ILE B 178 -0.30 -7.67 30.45
C ILE B 178 -0.95 -6.29 30.27
N LYS B 179 -1.13 -5.57 31.37
CA LYS B 179 -1.74 -4.24 31.33
C LYS B 179 -0.92 -3.26 30.48
N LYS B 180 0.41 -3.36 30.57
CA LYS B 180 1.30 -2.56 29.72
C LYS B 180 1.13 -2.92 28.24
N MET B 181 0.99 -4.21 27.98
CA MET B 181 0.79 -4.76 26.64
C MET B 181 -0.55 -4.32 26.03
N CYS B 182 -1.57 -4.16 26.88
CA CYS B 182 -2.94 -3.95 26.41
C CYS B 182 -3.40 -2.49 26.41
N ARG B 183 -2.79 -1.69 27.28
CA ARG B 183 -3.15 -0.29 27.38
C ARG B 183 -2.48 0.50 26.26
N VAL B 184 -3.30 1.21 25.50
CA VAL B 184 -2.82 2.04 24.40
C VAL B 184 -3.04 3.52 24.69
N LEU B 185 -1.99 4.30 24.49
CA LEU B 185 -2.01 5.74 24.69
C LEU B 185 -3.14 6.39 23.89
N PRO B 186 -3.74 7.46 24.42
CA PRO B 186 -4.72 8.22 23.64
C PRO B 186 -4.12 8.73 22.33
N LEU B 187 -4.92 8.81 21.28
CA LEU B 187 -4.47 9.39 20.00
C LEU B 187 -4.31 10.90 20.12
N SER B 188 -5.25 11.54 20.80
CA SER B 188 -5.30 13.00 20.89
C SER B 188 -5.06 13.51 22.32
N ALA B 189 -4.20 14.58 22.41
CA ALA B 189 -3.84 15.20 23.69
C ALA B 189 -5.15 15.62 24.44
N CYS B 213 -8.55 9.26 26.14
CA CYS B 213 -8.83 8.00 26.84
C CYS B 213 -7.92 6.87 26.35
N SER B 214 -7.33 6.14 27.31
CA SER B 214 -6.54 4.95 27.01
C SER B 214 -7.45 3.79 26.59
N ALA B 215 -7.13 3.20 25.45
CA ALA B 215 -7.86 2.03 24.96
C ALA B 215 -7.21 0.75 25.48
N TRP B 216 -7.96 -0.34 25.40
CA TRP B 216 -7.47 -1.67 25.77
C TRP B 216 -7.57 -2.56 24.55
N LYS B 217 -6.43 -3.10 24.14
CA LYS B 217 -6.36 -4.11 23.08
C LYS B 217 -6.96 -5.41 23.59
N PRO B 218 -7.96 -5.97 22.88
CA PRO B 218 -8.45 -7.30 23.25
C PRO B 218 -7.30 -8.29 23.37
N LEU B 219 -7.32 -9.09 24.44
CA LEU B 219 -6.19 -9.93 24.81
C LEU B 219 -6.39 -11.41 24.51
N LEU B 220 -5.48 -11.98 23.74
CA LEU B 220 -5.32 -13.43 23.64
C LEU B 220 -4.24 -13.83 24.63
N LEU B 221 -4.63 -14.61 25.64
CA LEU B 221 -3.73 -15.01 26.72
C LEU B 221 -3.44 -16.52 26.66
N ILE B 222 -2.20 -16.88 26.37
CA ILE B 222 -1.84 -18.30 26.25
C ILE B 222 -0.87 -18.71 27.33
N VAL B 223 -1.16 -19.85 27.97
CA VAL B 223 -0.37 -20.33 29.09
C VAL B 223 0.12 -21.77 28.80
N PRO B 224 1.31 -21.89 28.18
CA PRO B 224 1.92 -23.22 27.99
C PRO B 224 2.28 -23.85 29.32
N LEU B 225 1.95 -25.13 29.50
CA LEU B 225 2.21 -25.83 30.75
C LEU B 225 2.68 -27.27 30.52
N ARG B 226 3.41 -27.80 31.49
CA ARG B 226 3.81 -29.18 31.51
C ARG B 226 3.23 -29.80 32.78
N LEU B 227 2.20 -30.63 32.62
CA LEU B 227 1.40 -31.11 33.75
C LEU B 227 1.87 -32.45 34.34
N GLY B 228 3.08 -32.86 33.96
CA GLY B 228 3.61 -34.14 34.40
C GLY B 228 4.76 -34.53 33.49
N ILE B 229 5.50 -35.56 33.92
CA ILE B 229 6.62 -36.08 33.14
C ILE B 229 6.09 -36.82 31.91
N ASN B 230 5.32 -37.89 32.16
CA ASN B 230 4.80 -38.72 31.07
C ASN B 230 3.29 -38.69 30.91
N GLN B 231 2.60 -38.47 32.03
CA GLN B 231 1.15 -38.35 32.07
C GLN B 231 0.77 -37.12 32.88
N ILE B 232 -0.45 -36.64 32.71
CA ILE B 232 -0.96 -35.56 33.56
C ILE B 232 -1.05 -36.03 35.02
N ASN B 233 -0.48 -35.21 35.91
CA ASN B 233 -0.53 -35.51 37.32
C ASN B 233 -1.94 -35.23 37.85
N PRO B 234 -2.56 -36.24 38.49
CA PRO B 234 -3.90 -36.10 39.10
C PRO B 234 -4.08 -34.80 39.91
N VAL B 235 -3.01 -34.28 40.50
CA VAL B 235 -3.10 -33.04 41.29
C VAL B 235 -3.53 -31.82 40.47
N TYR B 236 -3.35 -31.85 39.15
CA TYR B 236 -3.71 -30.70 38.31
C TYR B 236 -5.06 -30.84 37.61
N VAL B 237 -5.73 -31.96 37.83
CA VAL B 237 -6.93 -32.28 37.07
C VAL B 237 -8.08 -31.30 37.32
N ASP B 238 -8.36 -31.04 38.60
CA ASP B 238 -9.44 -30.13 39.00
C ASP B 238 -9.22 -28.70 38.52
N ALA B 239 -7.98 -28.23 38.65
CA ALA B 239 -7.62 -26.89 38.22
C ALA B 239 -7.70 -26.77 36.70
N PHE B 240 -7.24 -27.80 35.99
CA PHE B 240 -7.37 -27.88 34.52
C PHE B 240 -8.83 -27.75 34.09
N LYS B 241 -9.70 -28.57 34.69
CA LYS B 241 -11.14 -28.51 34.48
C LYS B 241 -11.72 -27.12 34.75
N GLU B 242 -11.29 -26.49 35.86
CA GLU B 242 -11.75 -25.14 36.23
C GLU B 242 -11.52 -24.13 35.09
N CYS B 243 -10.42 -24.28 34.37
CA CYS B 243 -10.11 -23.38 33.25
C CYS B 243 -11.24 -23.32 32.21
N PHE B 244 -11.80 -24.49 31.90
CA PHE B 244 -12.86 -24.60 30.89
C PHE B 244 -14.19 -23.98 31.37
N LYS B 245 -14.32 -23.78 32.68
CA LYS B 245 -15.52 -23.19 33.27
C LYS B 245 -15.50 -21.66 33.29
N MET B 246 -14.33 -21.07 33.05
CA MET B 246 -14.19 -19.62 33.05
C MET B 246 -14.76 -19.01 31.76
N PRO B 247 -15.48 -17.87 31.85
CA PRO B 247 -16.12 -17.29 30.66
C PRO B 247 -15.09 -16.89 29.61
N GLN B 248 -13.88 -16.61 30.05
CA GLN B 248 -12.79 -16.21 29.15
C GLN B 248 -12.13 -17.38 28.44
N SER B 249 -12.51 -18.61 28.80
CA SER B 249 -11.80 -19.79 28.31
C SER B 249 -11.93 -20.02 26.81
N LEU B 250 -10.77 -20.15 26.17
CA LEU B 250 -10.66 -20.62 24.78
C LEU B 250 -10.24 -22.10 24.72
N GLY B 251 -10.30 -22.80 25.84
CA GLY B 251 -9.91 -24.20 25.89
C GLY B 251 -8.40 -24.39 25.98
N ALA B 252 -7.89 -25.40 25.28
CA ALA B 252 -6.48 -25.74 25.37
C ALA B 252 -5.97 -26.42 24.13
N LEU B 253 -4.68 -26.22 23.85
CA LEU B 253 -3.96 -26.96 22.81
C LEU B 253 -3.25 -28.10 23.50
N GLY B 254 -3.22 -29.25 22.84
CA GLY B 254 -2.53 -30.41 23.37
C GLY B 254 -2.49 -31.56 22.39
N GLY B 255 -2.00 -32.71 22.87
CA GLY B 255 -1.83 -33.92 22.07
C GLY B 255 -0.37 -34.30 21.89
N LYS B 256 -0.16 -35.58 21.54
CA LYS B 256 1.15 -36.10 21.16
C LYS B 256 1.59 -35.50 19.81
N PRO B 257 2.91 -35.55 19.50
CA PRO B 257 3.35 -35.16 18.16
C PRO B 257 2.51 -35.82 17.08
N ASN B 258 2.09 -35.02 16.10
CA ASN B 258 1.22 -35.45 14.99
C ASN B 258 -0.17 -35.95 15.38
N ASN B 259 -0.56 -35.67 16.63
CA ASN B 259 -1.89 -35.99 17.12
C ASN B 259 -2.42 -34.86 17.99
N ALA B 260 -2.39 -33.63 17.46
CA ALA B 260 -2.82 -32.45 18.22
C ALA B 260 -4.32 -32.29 18.14
N TYR B 261 -4.92 -31.91 19.27
CA TYR B 261 -6.36 -31.69 19.35
C TYR B 261 -6.65 -30.35 20.01
N TYR B 262 -7.80 -29.80 19.66
CA TYR B 262 -8.27 -28.57 20.26
C TYR B 262 -9.33 -28.92 21.30
N PHE B 263 -8.93 -28.84 22.57
CA PHE B 263 -9.81 -29.21 23.68
C PHE B 263 -10.72 -28.05 24.03
N ILE B 264 -12.02 -28.28 24.00
CA ILE B 264 -13.00 -27.20 24.17
C ILE B 264 -13.86 -27.32 25.43
N GLY B 265 -13.80 -28.46 26.09
CA GLY B 265 -14.54 -28.65 27.33
C GLY B 265 -14.39 -30.03 27.93
N PHE B 266 -15.28 -30.36 28.87
CA PHE B 266 -15.20 -31.64 29.56
C PHE B 266 -16.54 -32.08 30.13
N LEU B 267 -16.63 -33.39 30.35
CA LEU B 267 -17.73 -34.05 31.05
C LEU B 267 -17.04 -35.08 31.92
N GLY B 268 -17.24 -34.98 33.24
CA GLY B 268 -16.61 -35.89 34.18
C GLY B 268 -15.11 -35.90 33.97
N ASP B 269 -14.55 -37.08 33.71
CA ASP B 269 -13.11 -37.23 33.50
C ASP B 269 -12.72 -37.29 32.02
N GLU B 270 -13.62 -36.85 31.16
CA GLU B 270 -13.37 -36.87 29.72
C GLU B 270 -13.33 -35.46 29.16
N LEU B 271 -12.35 -35.21 28.30
CA LEU B 271 -12.25 -33.93 27.61
C LEU B 271 -12.94 -34.04 26.26
N ILE B 272 -13.59 -32.95 25.86
CA ILE B 272 -14.21 -32.87 24.55
C ILE B 272 -13.30 -32.03 23.65
N PHE B 273 -13.07 -32.50 22.43
CA PHE B 273 -12.13 -31.84 21.53
C PHE B 273 -12.60 -31.79 20.08
N LEU B 274 -12.09 -30.80 19.34
CA LEU B 274 -12.22 -30.77 17.88
C LEU B 274 -10.95 -31.37 17.26
N ASP B 275 -11.15 -32.16 16.22
CA ASP B 275 -10.12 -32.99 15.65
C ASP B 275 -9.83 -32.55 14.21
N PRO B 276 -8.59 -32.09 13.95
CA PRO B 276 -8.23 -31.67 12.60
C PRO B 276 -7.82 -32.82 11.67
N HIS B 277 -7.86 -34.06 12.16
CA HIS B 277 -7.31 -35.17 11.37
C HIS B 277 -8.30 -35.74 10.34
N THR B 278 -8.78 -34.85 9.47
CA THR B 278 -9.57 -35.22 8.29
C THR B 278 -9.03 -34.35 7.17
N THR B 279 -8.59 -34.97 6.09
CA THR B 279 -8.06 -34.22 4.95
C THR B 279 -9.20 -33.77 4.03
N GLN B 280 -9.37 -32.46 3.88
CA GLN B 280 -10.41 -31.93 2.99
C GLN B 280 -9.78 -31.09 1.89
N THR B 281 -10.48 -30.97 0.78
CA THR B 281 -9.99 -30.17 -0.34
C THR B 281 -10.02 -28.69 0.02
N PHE B 282 -8.99 -27.98 -0.44
CA PHE B 282 -8.90 -26.53 -0.36
C PHE B 282 -10.19 -25.89 -0.82
N VAL B 283 -10.71 -24.99 -0.01
CA VAL B 283 -11.92 -24.25 -0.35
C VAL B 283 -11.50 -22.80 -0.45
N ASP B 284 -11.84 -22.17 -1.56
CA ASP B 284 -11.44 -20.76 -1.81
C ASP B 284 -12.69 -19.91 -1.92
N THR B 285 -12.53 -18.59 -1.89
CA THR B 285 -13.64 -17.66 -2.03
C THR B 285 -14.32 -17.79 -3.39
N GLU B 286 -15.62 -17.51 -3.41
CA GLU B 286 -16.39 -17.43 -4.64
C GLU B 286 -16.21 -16.06 -5.31
N GLU B 287 -16.77 -15.92 -6.51
CA GLU B 287 -16.75 -14.65 -7.25
C GLU B 287 -17.36 -13.50 -6.45
N ASN B 288 -18.36 -13.81 -5.64
CA ASN B 288 -19.03 -12.81 -4.81
C ASN B 288 -18.26 -12.40 -3.55
N GLY B 289 -17.00 -12.86 -3.44
CA GLY B 289 -16.13 -12.47 -2.34
C GLY B 289 -16.33 -13.26 -1.05
N THR B 290 -17.32 -14.15 -1.02
CA THR B 290 -17.57 -14.97 0.16
C THR B 290 -17.05 -16.39 -0.06
N VAL B 291 -16.77 -17.09 1.04
CA VAL B 291 -16.42 -18.49 0.99
C VAL B 291 -17.54 -19.30 1.65
N ASN B 292 -17.83 -20.47 1.09
CA ASN B 292 -18.72 -21.43 1.72
C ASN B 292 -18.14 -22.00 3.00
N ASP B 293 -18.94 -21.98 4.07
CA ASP B 293 -18.46 -22.36 5.40
C ASP B 293 -18.78 -23.80 5.83
N GLN B 294 -19.38 -24.59 4.93
CA GLN B 294 -19.82 -25.95 5.23
C GLN B 294 -18.73 -26.80 5.88
N THR B 295 -17.55 -26.80 5.27
CA THR B 295 -16.50 -27.70 5.70
C THR B 295 -15.76 -27.16 6.93
N PHE B 296 -16.18 -25.98 7.39
CA PHE B 296 -15.55 -25.31 8.54
C PHE B 296 -16.36 -25.42 9.84
N HIS B 297 -17.38 -26.28 9.84
CA HIS B 297 -18.18 -26.56 11.03
C HIS B 297 -18.34 -28.07 11.17
N CYS B 298 -18.06 -28.60 12.36
CA CYS B 298 -18.10 -30.04 12.59
C CYS B 298 -19.47 -30.50 13.13
N LEU B 299 -20.17 -31.32 12.36
CA LEU B 299 -21.50 -31.77 12.75
C LEU B 299 -21.50 -33.25 13.12
N GLN B 300 -20.30 -33.82 13.24
CA GLN B 300 -20.13 -35.19 13.70
C GLN B 300 -20.47 -35.29 15.17
N SER B 301 -20.65 -36.52 15.66
CA SER B 301 -20.71 -36.74 17.09
C SER B 301 -19.44 -36.19 17.71
N PRO B 302 -19.59 -35.38 18.77
CA PRO B 302 -18.46 -34.87 19.55
C PRO B 302 -17.53 -35.99 19.96
N GLN B 303 -16.26 -35.67 20.05
CA GLN B 303 -15.25 -36.66 20.40
C GLN B 303 -14.71 -36.37 21.79
N ARG B 304 -14.44 -37.44 22.52
CA ARG B 304 -13.95 -37.38 23.90
C ARG B 304 -12.71 -38.23 24.11
N MET B 305 -11.90 -37.86 25.10
CA MET B 305 -10.85 -38.72 25.62
C MET B 305 -10.69 -38.53 27.13
N ASN B 306 -10.19 -39.56 27.82
CA ASN B 306 -9.90 -39.47 29.25
C ASN B 306 -8.76 -38.48 29.49
N ILE B 307 -8.95 -37.53 30.41
CA ILE B 307 -7.91 -36.53 30.72
C ILE B 307 -6.58 -37.20 31.06
N LEU B 308 -6.64 -38.35 31.71
CA LEU B 308 -5.43 -39.04 32.15
C LEU B 308 -4.61 -39.63 31.00
N ASN B 309 -5.20 -39.66 29.80
CA ASN B 309 -4.50 -40.09 28.58
C ASN B 309 -3.91 -38.94 27.76
N LEU B 310 -4.19 -37.72 28.19
CA LEU B 310 -3.69 -36.55 27.51
C LEU B 310 -2.19 -36.35 27.76
N ASP B 311 -1.46 -36.07 26.69
CA ASP B 311 -0.05 -35.70 26.79
C ASP B 311 0.08 -34.54 27.80
N PRO B 312 1.13 -34.58 28.66
CA PRO B 312 1.30 -33.55 29.69
C PRO B 312 1.56 -32.12 29.18
N SER B 313 2.02 -31.97 27.94
CA SER B 313 2.34 -30.64 27.38
C SER B 313 1.12 -30.02 26.73
N VAL B 314 0.61 -28.97 27.37
CA VAL B 314 -0.59 -28.29 26.89
C VAL B 314 -0.34 -26.80 26.80
N ALA B 315 -1.30 -26.06 26.23
CA ALA B 315 -1.32 -24.61 26.38
C ALA B 315 -2.76 -24.17 26.55
N LEU B 316 -3.03 -23.53 27.68
CA LEU B 316 -4.33 -23.00 27.98
C LEU B 316 -4.50 -21.71 27.19
N GLY B 317 -5.71 -21.45 26.73
CA GLY B 317 -6.03 -20.18 26.08
C GLY B 317 -7.18 -19.45 26.75
N PHE B 318 -7.08 -18.12 26.80
CA PHE B 318 -8.12 -17.28 27.37
C PHE B 318 -8.27 -16.03 26.52
N PHE B 319 -9.50 -15.52 26.44
CA PHE B 319 -9.75 -14.27 25.73
C PHE B 319 -10.38 -13.22 26.65
N CYS B 320 -9.74 -12.06 26.72
CA CYS B 320 -10.23 -10.96 27.56
C CYS B 320 -10.42 -9.72 26.69
N LYS B 321 -11.67 -9.45 26.34
CA LYS B 321 -12.00 -8.37 25.42
C LYS B 321 -11.66 -6.99 25.99
N GLU B 322 -12.01 -6.78 27.25
CA GLU B 322 -11.77 -5.49 27.89
C GLU B 322 -11.02 -5.70 29.20
N GLU B 323 -10.48 -4.62 29.75
CA GLU B 323 -9.73 -4.69 31.00
C GLU B 323 -10.54 -5.37 32.11
N LYS B 324 -11.84 -5.07 32.18
CA LYS B 324 -12.73 -5.69 33.17
C LYS B 324 -12.80 -7.21 33.04
N ASP B 325 -12.70 -7.71 31.81
CA ASP B 325 -12.64 -9.16 31.54
C ASP B 325 -11.36 -9.79 32.07
N PHE B 326 -10.22 -9.12 31.88
CA PHE B 326 -8.95 -9.60 32.40
C PHE B 326 -8.93 -9.55 33.93
N ASP B 327 -9.48 -8.47 34.50
CA ASP B 327 -9.63 -8.33 35.95
C ASP B 327 -10.49 -9.46 36.53
N ASN B 328 -11.60 -9.77 35.86
N ASN B 328 -11.60 -9.77 35.88
CA ASN B 328 -12.46 -10.89 36.26
CA ASN B 328 -12.45 -10.89 36.27
C ASN B 328 -11.73 -12.23 36.15
C ASN B 328 -11.71 -12.23 36.17
N TRP B 329 -10.98 -12.42 35.07
CA TRP B 329 -10.18 -13.64 34.87
C TRP B 329 -9.19 -13.80 36.04
N CYS B 330 -8.53 -12.72 36.43
CA CYS B 330 -7.60 -12.73 37.56
C CYS B 330 -8.29 -13.19 38.86
N SER B 331 -9.50 -12.69 39.11
CA SER B 331 -10.29 -13.09 40.28
C SER B 331 -10.59 -14.58 40.28
N LEU B 332 -11.00 -15.12 39.13
CA LEU B 332 -11.33 -16.53 39.02
C LEU B 332 -10.10 -17.41 39.24
N VAL B 333 -8.97 -17.01 38.68
CA VAL B 333 -7.70 -17.74 38.84
C VAL B 333 -7.26 -17.73 40.30
N GLN B 334 -7.37 -16.57 40.94
CA GLN B 334 -7.06 -16.39 42.35
C GLN B 334 -7.93 -17.31 43.20
N LYS B 335 -9.20 -17.43 42.84
CA LYS B 335 -10.14 -18.28 43.57
C LYS B 335 -10.01 -19.78 43.28
N GLU B 336 -9.91 -20.15 42.00
CA GLU B 336 -10.00 -21.56 41.60
C GLU B 336 -8.66 -22.26 41.34
N ILE B 337 -7.60 -21.49 41.09
CA ILE B 337 -6.33 -22.07 40.66
C ILE B 337 -5.28 -21.95 41.76
N LEU B 338 -5.14 -20.74 42.29
CA LEU B 338 -4.08 -20.42 43.26
C LEU B 338 -4.36 -21.02 44.63
N LYS B 339 -5.58 -21.52 44.84
CA LYS B 339 -5.96 -22.11 46.11
C LYS B 339 -5.35 -23.48 46.34
N GLU B 340 -4.89 -24.12 45.26
CA GLU B 340 -4.32 -25.46 45.36
C GLU B 340 -2.92 -25.35 45.98
N ASN B 341 -2.48 -26.39 46.67
CA ASN B 341 -1.12 -26.38 47.23
C ASN B 341 -0.10 -26.52 46.11
N LEU B 342 -0.35 -27.45 45.21
CA LEU B 342 0.47 -27.59 44.00
C LEU B 342 -0.24 -26.86 42.88
N ARG B 343 0.20 -25.63 42.61
CA ARG B 343 -0.51 -24.75 41.71
C ARG B 343 -0.17 -25.10 40.28
N MET B 344 -1.18 -25.09 39.43
CA MET B 344 -1.01 -25.46 38.03
C MET B 344 -0.21 -24.37 37.30
N PHE B 345 -0.50 -23.11 37.60
CA PHE B 345 0.32 -21.98 37.15
C PHE B 345 0.24 -20.86 38.18
N GLU B 346 1.04 -19.82 37.99
CA GLU B 346 1.09 -18.69 38.91
C GLU B 346 0.53 -17.43 38.27
N LEU B 347 -0.07 -16.59 39.11
CA LEU B 347 -0.54 -15.27 38.70
C LEU B 347 0.00 -14.25 39.69
N VAL B 348 0.88 -13.38 39.19
CA VAL B 348 1.54 -12.37 40.02
C VAL B 348 1.26 -10.96 39.51
N GLN B 349 1.37 -9.98 40.41
CA GLN B 349 1.09 -8.59 40.09
C GLN B 349 2.28 -7.93 39.37
N LYS B 350 3.47 -8.04 39.94
CA LYS B 350 4.64 -7.37 39.41
C LYS B 350 5.56 -8.34 38.69
N HIS B 351 6.17 -7.84 37.63
CA HIS B 351 7.19 -8.57 36.87
C HIS B 351 8.28 -9.06 37.82
N PRO B 352 8.51 -10.38 37.87
CA PRO B 352 9.55 -10.92 38.74
C PRO B 352 10.91 -10.28 38.44
N SER B 353 11.43 -9.56 39.43
CA SER B 353 12.72 -8.89 39.32
C SER B 353 13.86 -9.91 39.26
N HIS B 354 14.81 -9.67 38.34
CA HIS B 354 15.92 -10.60 38.10
C HIS B 354 17.19 -10.17 38.85
N TRP B 355 17.94 -11.16 39.32
CA TRP B 355 19.18 -10.94 40.10
C TRP B 355 20.26 -10.17 39.32
N THR C 21 -31.70 48.63 -0.86
CA THR C 21 -32.93 48.73 -0.02
C THR C 21 -33.58 47.35 0.11
N ASP C 22 -32.86 46.44 0.76
CA ASP C 22 -33.30 45.06 1.03
C ASP C 22 -33.70 44.26 -0.23
N GLU C 23 -32.82 44.29 -1.23
CA GLU C 23 -32.98 43.43 -2.40
C GLU C 23 -32.60 42.00 -2.06
N LEU C 24 -33.07 41.06 -2.87
CA LEU C 24 -32.67 39.66 -2.72
C LEU C 24 -31.28 39.45 -3.33
N VAL C 25 -30.44 38.72 -2.60
CA VAL C 25 -29.11 38.36 -3.05
C VAL C 25 -29.06 36.84 -3.14
N TRP C 26 -28.55 36.33 -4.25
CA TRP C 26 -28.34 34.90 -4.40
C TRP C 26 -26.87 34.58 -4.24
N ILE C 27 -26.57 33.62 -3.37
CA ILE C 27 -25.20 33.09 -3.25
C ILE C 27 -25.28 31.58 -3.33
N LEU C 28 -24.67 31.00 -4.36
CA LEU C 28 -24.57 29.53 -4.48
C LEU C 28 -25.87 28.83 -4.12
N GLY C 29 -26.96 29.22 -4.78
CA GLY C 29 -28.24 28.51 -4.62
C GLY C 29 -29.03 28.87 -3.37
N LYS C 30 -28.58 29.91 -2.67
CA LYS C 30 -29.17 30.28 -1.38
C LYS C 30 -29.51 31.76 -1.44
N GLN C 31 -30.69 32.13 -0.97
CA GLN C 31 -31.10 33.54 -1.00
C GLN C 31 -30.87 34.25 0.34
N HIS C 32 -30.52 35.53 0.27
CA HIS C 32 -30.34 36.38 1.43
C HIS C 32 -30.97 37.75 1.17
N LEU C 33 -31.63 38.30 2.18
CA LEU C 33 -32.14 39.67 2.09
C LEU C 33 -31.02 40.64 2.42
N LEU C 34 -30.80 41.62 1.56
CA LEU C 34 -29.59 42.46 1.61
C LEU C 34 -29.43 43.26 2.92
N LYS C 35 -30.52 43.89 3.37
CA LYS C 35 -30.49 44.74 4.56
C LYS C 35 -30.89 43.95 5.81
N THR C 36 -32.05 43.30 5.73
CA THR C 36 -32.64 42.52 6.81
C THR C 36 -31.77 41.34 7.30
N GLU C 37 -31.04 40.73 6.36
CA GLU C 37 -30.23 39.55 6.66
C GLU C 37 -28.75 39.77 6.27
N LYS C 38 -28.25 40.98 6.51
CA LYS C 38 -26.88 41.33 6.13
C LYS C 38 -25.84 40.41 6.77
N SER C 39 -25.94 40.21 8.09
CA SER C 39 -24.97 39.37 8.81
C SER C 39 -24.97 37.91 8.30
N LYS C 40 -26.14 37.42 7.94
N LYS C 40 -26.17 37.41 7.98
CA LYS C 40 -26.30 36.09 7.37
CA LYS C 40 -26.36 36.10 7.35
C LYS C 40 -25.59 35.99 6.02
C LYS C 40 -25.59 36.00 6.03
N LEU C 41 -25.74 37.03 5.21
CA LEU C 41 -25.14 37.10 3.89
C LEU C 41 -23.63 37.14 3.97
N LEU C 42 -23.11 38.02 4.82
CA LEU C 42 -21.67 38.21 4.95
C LEU C 42 -21.00 36.98 5.52
N SER C 43 -21.67 36.32 6.45
CA SER C 43 -21.16 35.12 7.09
C SER C 43 -21.18 33.91 6.14
N ASP C 44 -22.19 33.84 5.27
CA ASP C 44 -22.25 32.82 4.21
C ASP C 44 -21.07 32.96 3.24
N ILE C 45 -20.76 34.19 2.84
CA ILE C 45 -19.63 34.46 1.95
C ILE C 45 -18.28 34.18 2.62
N SER C 46 -18.11 34.62 3.86
CA SER C 46 -16.87 34.37 4.62
C SER C 46 -16.62 32.89 4.93
N ALA C 47 -17.72 32.14 5.07
CA ALA C 47 -17.70 30.70 5.32
C ALA C 47 -17.11 29.88 4.16
N ARG C 48 -17.24 30.40 2.93
CA ARG C 48 -16.66 29.75 1.74
C ARG C 48 -15.14 29.60 1.91
N LEU C 49 -14.60 28.45 1.54
CA LEU C 49 -13.14 28.30 1.46
C LEU C 49 -12.58 29.18 0.36
N TRP C 50 -11.61 30.00 0.75
CA TRP C 50 -11.01 31.02 -0.08
C TRP C 50 -9.56 30.62 -0.33
N PHE C 51 -9.17 30.52 -1.60
CA PHE C 51 -7.78 30.19 -1.95
C PHE C 51 -7.16 31.29 -2.78
N THR C 52 -6.04 31.81 -2.30
CA THR C 52 -5.32 32.88 -2.98
C THR C 52 -3.96 32.42 -3.49
N TYR C 53 -3.32 33.27 -4.28
CA TYR C 53 -1.88 33.18 -4.50
C TYR C 53 -1.14 32.88 -3.20
N ARG C 54 -0.13 32.01 -3.30
CA ARG C 54 0.74 31.75 -2.15
C ARG C 54 2.21 31.97 -2.55
N ARG C 55 3.06 32.31 -1.58
CA ARG C 55 4.51 32.40 -1.79
C ARG C 55 5.21 31.50 -0.78
N LYS C 56 6.46 31.15 -1.08
CA LYS C 56 7.33 30.37 -0.18
C LYS C 56 6.79 28.96 0.11
N PHE C 57 6.18 28.33 -0.89
CA PHE C 57 5.96 26.89 -0.82
C PHE C 57 7.11 26.17 -1.55
N SER C 58 7.19 24.85 -1.39
CA SER C 58 8.26 24.09 -2.02
C SER C 58 8.17 24.19 -3.54
N PRO C 59 9.32 24.38 -4.21
CA PRO C 59 9.36 24.51 -5.66
C PRO C 59 8.56 23.38 -6.34
N ILE C 60 7.67 23.76 -7.26
CA ILE C 60 6.93 22.78 -8.04
C ILE C 60 7.89 21.98 -8.91
N GLY C 61 7.83 20.65 -8.82
CA GLY C 61 8.75 19.79 -9.56
C GLY C 61 10.20 19.95 -9.16
N GLY C 62 10.47 20.45 -7.95
CA GLY C 62 11.84 20.62 -7.46
C GLY C 62 12.55 21.90 -7.89
N THR C 63 12.41 22.29 -9.14
CA THR C 63 13.09 23.49 -9.64
C THR C 63 12.14 24.52 -10.24
N GLY C 64 10.84 24.23 -10.22
CA GLY C 64 9.85 25.15 -10.74
C GLY C 64 9.52 26.24 -9.72
N PRO C 65 8.41 26.94 -9.92
CA PRO C 65 7.98 28.05 -9.03
C PRO C 65 7.70 27.65 -7.58
N SER C 66 8.03 28.57 -6.68
CA SER C 66 7.70 28.45 -5.26
C SER C 66 6.65 29.49 -4.82
N SER C 67 6.08 30.16 -5.82
CA SER C 67 4.93 31.05 -5.65
C SER C 67 4.11 30.99 -6.93
N ASP C 68 2.79 31.16 -6.82
CA ASP C 68 1.96 31.27 -8.03
C ASP C 68 1.48 32.71 -8.31
N ALA C 69 1.99 33.67 -7.56
CA ALA C 69 1.67 35.09 -7.75
C ALA C 69 1.91 35.48 -9.20
N GLY C 70 0.90 36.04 -9.84
CA GLY C 70 0.98 36.48 -11.23
C GLY C 70 0.69 35.41 -12.27
N TRP C 71 0.36 34.18 -11.85
CA TRP C 71 0.00 33.16 -12.84
C TRP C 71 -1.07 32.14 -12.41
N GLY C 72 -1.22 31.93 -11.11
CA GLY C 72 -2.05 30.81 -10.61
C GLY C 72 -3.53 31.05 -10.39
N CYS C 73 -4.06 32.21 -10.77
CA CYS C 73 -5.41 32.59 -10.34
C CYS C 73 -6.55 31.70 -10.80
N MET C 74 -6.49 31.17 -12.01
CA MET C 74 -7.56 30.26 -12.45
C MET C 74 -7.49 28.94 -11.71
N LEU C 75 -6.27 28.49 -11.39
CA LEU C 75 -6.11 27.29 -10.57
C LEU C 75 -6.71 27.52 -9.19
N ARG C 76 -6.47 28.71 -8.62
CA ARG C 76 -7.05 29.06 -7.33
C ARG C 76 -8.57 29.07 -7.40
N CYS C 77 -9.14 29.60 -8.47
CA CYS C 77 -10.60 29.63 -8.61
C CYS C 77 -11.13 28.20 -8.77
N GLY C 78 -10.40 27.37 -9.49
CA GLY C 78 -10.75 25.94 -9.58
C GLY C 78 -10.74 25.27 -8.22
N GLN C 79 -9.71 25.54 -7.41
CA GLN C 79 -9.67 25.06 -6.02
C GLN C 79 -10.92 25.46 -5.23
N MET C 80 -11.31 26.73 -5.32
CA MET C 80 -12.46 27.23 -4.58
C MET C 80 -13.77 26.55 -5.01
N MET C 81 -13.95 26.35 -6.30
CA MET C 81 -15.19 25.70 -6.78
C MET C 81 -15.22 24.24 -6.32
N LEU C 82 -14.09 23.56 -6.43
CA LEU C 82 -14.01 22.16 -6.01
C LEU C 82 -14.20 22.03 -4.48
N ALA C 83 -13.59 22.94 -3.72
CA ALA C 83 -13.71 22.89 -2.25
C ALA C 83 -15.16 23.09 -1.84
N GLN C 84 -15.86 24.00 -2.50
CA GLN C 84 -17.29 24.23 -2.27
C GLN C 84 -18.10 22.94 -2.50
N ALA C 85 -17.76 22.22 -3.57
CA ALA C 85 -18.43 20.94 -3.83
C ALA C 85 -18.19 19.95 -2.69
N LEU C 86 -16.95 19.86 -2.23
CA LEU C 86 -16.59 18.94 -1.13
C LEU C 86 -17.23 19.33 0.21
N ILE C 87 -17.23 20.62 0.52
CA ILE C 87 -17.97 21.13 1.66
C ILE C 87 -19.43 20.66 1.59
N CYS C 88 -20.08 20.87 0.46
CA CYS C 88 -21.48 20.46 0.32
C CYS C 88 -21.67 18.95 0.44
N ARG C 89 -20.77 18.19 -0.20
CA ARG C 89 -20.84 16.72 -0.17
C ARG C 89 -20.80 16.16 1.26
N HIS C 90 -19.91 16.71 2.08
CA HIS C 90 -19.67 16.20 3.42
C HIS C 90 -20.43 16.95 4.51
N LEU C 91 -20.49 18.26 4.41
CA LEU C 91 -21.04 19.09 5.50
C LEU C 91 -22.41 19.70 5.18
N GLY C 92 -22.79 19.71 3.91
CA GLY C 92 -24.05 20.31 3.47
C GLY C 92 -23.89 21.78 3.15
N ARG C 93 -24.80 22.30 2.34
CA ARG C 93 -24.82 23.73 1.96
C ARG C 93 -25.06 24.66 3.14
N ASP C 94 -25.81 24.21 4.14
CA ASP C 94 -26.16 25.04 5.29
C ASP C 94 -25.03 25.13 6.33
N TRP C 95 -23.96 24.38 6.12
CA TRP C 95 -22.80 24.41 7.01
C TRP C 95 -22.29 25.83 7.12
N SER C 96 -22.09 26.29 8.35
CA SER C 96 -21.38 27.56 8.49
C SER C 96 -20.10 27.44 9.31
N TRP C 97 -19.24 28.42 9.06
CA TRP C 97 -17.96 28.52 9.69
C TRP C 97 -18.03 29.66 10.70
N LYS C 101 -16.08 28.10 16.13
CA LYS C 101 -16.77 26.82 16.23
C LYS C 101 -15.81 25.63 16.13
N GLU C 102 -16.06 24.61 16.96
CA GLU C 102 -15.43 23.31 16.74
C GLU C 102 -16.06 22.73 15.48
N GLN C 103 -15.21 22.24 14.57
CA GLN C 103 -15.65 21.74 13.28
C GLN C 103 -15.54 20.22 13.21
N PRO C 104 -16.43 19.57 12.43
CA PRO C 104 -16.32 18.13 12.20
C PRO C 104 -15.02 17.80 11.47
N LYS C 105 -14.48 16.61 11.72
CA LYS C 105 -13.21 16.16 11.15
C LYS C 105 -13.11 16.33 9.62
N GLU C 106 -14.25 16.23 8.93
CA GLU C 106 -14.27 16.33 7.47
C GLU C 106 -13.80 17.71 7.03
N TYR C 107 -14.09 18.73 7.82
CA TYR C 107 -13.74 20.10 7.45
C TYR C 107 -12.23 20.26 7.23
N GLN C 108 -11.42 19.90 8.23
CA GLN C 108 -9.96 19.99 8.14
C GLN C 108 -9.43 19.06 7.07
N ARG C 109 -10.03 17.88 6.96
CA ARG C 109 -9.61 16.94 5.91
C ARG C 109 -9.81 17.51 4.50
N ILE C 110 -10.93 18.20 4.26
CA ILE C 110 -11.17 18.90 2.99
C ILE C 110 -10.16 20.02 2.76
N LEU C 111 -10.03 20.91 3.73
CA LEU C 111 -9.11 22.03 3.63
C LEU C 111 -7.67 21.58 3.31
N GLN C 112 -7.22 20.51 3.95
CA GLN C 112 -5.85 20.04 3.76
C GLN C 112 -5.56 19.42 2.39
N CYS C 113 -6.60 19.07 1.63
CA CYS C 113 -6.44 18.62 0.23
C CYS C 113 -5.86 19.71 -0.66
N PHE C 114 -6.02 20.96 -0.24
CA PHE C 114 -5.67 22.15 -1.05
C PHE C 114 -4.43 22.90 -0.58
N LEU C 115 -3.74 22.37 0.42
CA LEU C 115 -2.54 23.03 0.90
C LEU C 115 -1.47 22.95 -0.17
N ASP C 116 -0.55 23.91 -0.16
CA ASP C 116 0.46 24.00 -1.21
C ASP C 116 1.65 23.04 -0.97
N ARG C 117 1.38 21.75 -1.07
CA ARG C 117 2.41 20.73 -0.91
C ARG C 117 2.12 19.62 -1.90
N LYS C 118 3.18 19.03 -2.46
CA LYS C 118 3.02 18.03 -3.50
C LYS C 118 2.21 16.81 -3.06
N ASP C 119 2.21 16.52 -1.75
CA ASP C 119 1.47 15.35 -1.24
C ASP C 119 -0.01 15.60 -0.96
N CYS C 120 -0.50 16.80 -1.28
CA CYS C 120 -1.92 17.13 -1.16
C CYS C 120 -2.58 17.03 -2.55
N CYS C 121 -3.66 16.25 -2.65
CA CYS C 121 -4.17 15.85 -3.98
C CYS C 121 -4.65 17.02 -4.86
N TYR C 122 -5.15 18.08 -4.24
CA TYR C 122 -5.61 19.23 -4.99
C TYR C 122 -4.72 20.46 -4.82
N SER C 123 -3.44 20.23 -4.52
CA SER C 123 -2.49 21.31 -4.33
C SER C 123 -2.22 22.03 -5.65
N ILE C 124 -1.70 23.25 -5.53
CA ILE C 124 -1.22 24.00 -6.68
C ILE C 124 -0.18 23.17 -7.44
N HIS C 125 0.65 22.43 -6.71
CA HIS C 125 1.65 21.52 -7.30
C HIS C 125 1.00 20.52 -8.25
N GLN C 126 -0.01 19.82 -7.76
CA GLN C 126 -0.71 18.81 -8.56
C GLN C 126 -1.49 19.41 -9.72
N MET C 127 -2.14 20.55 -9.50
CA MET C 127 -2.87 21.24 -10.57
C MET C 127 -1.98 21.72 -11.73
N ALA C 128 -0.87 22.37 -11.38
CA ALA C 128 0.10 22.83 -12.37
C ALA C 128 0.66 21.66 -13.16
N GLN C 129 1.01 20.60 -12.44
CA GLN C 129 1.55 19.38 -13.01
C GLN C 129 0.54 18.73 -13.97
N MET C 130 -0.73 18.66 -13.55
CA MET C 130 -1.80 18.10 -14.38
C MET C 130 -2.04 18.95 -15.65
N GLY C 131 -1.79 20.26 -15.54
CA GLY C 131 -1.87 21.17 -16.69
C GLY C 131 -0.87 20.80 -17.76
N VAL C 132 0.28 20.27 -17.36
CA VAL C 132 1.32 19.83 -18.31
C VAL C 132 0.76 18.81 -19.31
N GLY C 133 -0.02 17.85 -18.81
CA GLY C 133 -0.70 16.85 -19.67
C GLY C 133 -1.75 17.43 -20.61
N GLU C 134 -2.17 18.68 -20.38
CA GLU C 134 -3.07 19.39 -21.29
C GLU C 134 -2.29 20.30 -22.24
N GLY C 135 -0.96 20.15 -22.23
CA GLY C 135 -0.09 20.94 -23.09
C GLY C 135 0.19 22.34 -22.57
N LYS C 136 0.13 22.53 -21.25
CA LYS C 136 0.41 23.83 -20.64
C LYS C 136 1.54 23.74 -19.63
N SER C 137 2.64 24.44 -19.90
CA SER C 137 3.81 24.46 -19.01
C SER C 137 3.46 24.92 -17.60
N ILE C 138 4.14 24.34 -16.62
CA ILE C 138 4.01 24.78 -15.22
C ILE C 138 4.31 26.27 -15.16
N GLY C 139 3.38 27.05 -14.62
CA GLY C 139 3.53 28.50 -14.54
C GLY C 139 2.76 29.26 -15.61
N GLU C 140 2.12 28.53 -16.53
CA GLU C 140 1.18 29.16 -17.48
C GLU C 140 -0.18 29.39 -16.85
N TRP C 141 -0.76 30.55 -17.13
CA TRP C 141 -2.19 30.80 -16.90
C TRP C 141 -2.96 30.12 -18.03
N PHE C 142 -4.04 29.42 -17.68
CA PHE C 142 -4.98 28.93 -18.69
C PHE C 142 -6.44 29.07 -18.26
N GLY C 143 -7.35 28.90 -19.22
CA GLY C 143 -8.74 29.25 -19.02
C GLY C 143 -9.60 28.15 -18.44
N PRO C 144 -10.93 28.40 -18.35
CA PRO C 144 -11.89 27.52 -17.68
C PRO C 144 -11.96 26.08 -18.22
N ASN C 145 -11.92 25.85 -19.53
N ASN C 145 -11.83 25.94 -19.55
CA ASN C 145 -11.96 24.44 -19.99
CA ASN C 145 -11.88 24.65 -20.26
C ASN C 145 -10.74 23.67 -19.52
C ASN C 145 -10.73 23.69 -19.90
N THR C 146 -9.55 24.25 -19.65
CA THR C 146 -8.35 23.53 -19.27
C THR C 146 -8.38 23.20 -17.79
N VAL C 147 -8.79 24.15 -16.95
CA VAL C 147 -8.87 23.86 -15.53
C VAL C 147 -9.97 22.80 -15.21
N ALA C 148 -11.08 22.83 -15.95
CA ALA C 148 -12.10 21.77 -15.84
C ALA C 148 -11.48 20.39 -16.12
N GLN C 149 -10.63 20.30 -17.15
CA GLN C 149 -9.95 19.02 -17.43
C GLN C 149 -8.96 18.64 -16.34
N VAL C 150 -8.25 19.65 -15.80
CA VAL C 150 -7.39 19.44 -14.65
C VAL C 150 -8.15 18.88 -13.43
N LEU C 151 -9.30 19.46 -13.11
CA LEU C 151 -10.10 18.98 -11.97
C LEU C 151 -10.61 17.55 -12.23
N LYS C 152 -11.07 17.29 -13.45
CA LYS C 152 -11.53 15.94 -13.82
C LYS C 152 -10.45 14.89 -13.55
N LYS C 153 -9.22 15.18 -13.97
CA LYS C 153 -8.10 14.24 -13.81
C LYS C 153 -7.64 14.12 -12.36
N LEU C 154 -7.62 15.24 -11.63
CA LEU C 154 -7.17 15.19 -10.24
C LEU C 154 -8.14 14.38 -9.37
N ALA C 155 -9.43 14.45 -9.69
CA ALA C 155 -10.45 13.66 -8.98
C ALA C 155 -10.18 12.15 -9.00
N LEU C 156 -9.43 11.69 -9.99
CA LEU C 156 -9.04 10.29 -10.10
C LEU C 156 -8.08 9.88 -8.98
N PHE C 157 -7.46 10.87 -8.34
CA PHE C 157 -6.42 10.63 -7.34
C PHE C 157 -6.98 10.70 -5.91
N ASP C 158 -8.27 10.98 -5.81
CA ASP C 158 -8.92 11.19 -4.53
C ASP C 158 -9.93 10.06 -4.26
N GLU C 159 -9.44 9.03 -3.59
CA GLU C 159 -10.27 7.85 -3.28
C GLU C 159 -11.25 8.10 -2.14
N TRP C 160 -10.93 9.07 -1.26
CA TRP C 160 -11.86 9.46 -0.20
C TRP C 160 -13.18 9.95 -0.78
N ASN C 161 -13.11 10.98 -1.61
CA ASN C 161 -14.31 11.56 -2.20
C ASN C 161 -14.82 10.80 -3.40
N SER C 162 -13.89 10.31 -4.22
CA SER C 162 -14.24 9.48 -5.36
C SER C 162 -15.39 10.13 -6.17
N LEU C 163 -15.17 11.38 -6.59
CA LEU C 163 -16.15 12.16 -7.33
C LEU C 163 -16.19 11.77 -8.79
N ALA C 164 -17.40 11.72 -9.36
CA ALA C 164 -17.56 11.78 -10.79
C ALA C 164 -17.39 13.25 -11.22
N VAL C 165 -16.67 13.48 -12.32
CA VAL C 165 -16.55 14.84 -12.87
C VAL C 165 -16.94 14.81 -14.33
N TYR C 166 -17.97 15.59 -14.67
CA TYR C 166 -18.43 15.68 -16.05
C TYR C 166 -18.13 17.07 -16.60
N VAL C 167 -17.46 17.10 -17.74
CA VAL C 167 -17.16 18.35 -18.42
C VAL C 167 -17.81 18.28 -19.78
N SER C 168 -18.77 19.18 -20.01
CA SER C 168 -19.54 19.20 -21.23
C SER C 168 -18.68 19.62 -22.41
N MET C 169 -19.00 19.08 -23.57
CA MET C 169 -18.40 19.49 -24.84
C MET C 169 -19.49 20.14 -25.66
N ASP C 170 -19.08 21.05 -26.56
CA ASP C 170 -19.98 21.69 -27.52
C ASP C 170 -21.28 22.22 -26.89
N ASN C 171 -21.13 22.85 -25.73
CA ASN C 171 -22.23 23.50 -25.02
C ASN C 171 -23.38 22.55 -24.73
N THR C 172 -23.08 21.26 -24.63
CA THR C 172 -24.11 20.25 -24.54
C THR C 172 -23.87 19.27 -23.38
N VAL C 173 -24.85 19.18 -22.50
CA VAL C 173 -24.85 18.22 -21.39
C VAL C 173 -25.71 17.03 -21.79
N VAL C 174 -25.14 15.82 -21.70
CA VAL C 174 -25.84 14.59 -22.10
C VAL C 174 -26.27 13.79 -20.86
N ILE C 175 -27.59 13.63 -20.69
CA ILE C 175 -28.16 12.91 -19.53
C ILE C 175 -27.59 11.50 -19.37
N GLU C 176 -27.70 10.66 -20.40
CA GLU C 176 -27.31 9.26 -20.29
C GLU C 176 -25.80 9.06 -20.05
N ASP C 177 -24.97 9.97 -20.53
CA ASP C 177 -23.54 9.89 -20.24
C ASP C 177 -23.26 10.18 -18.76
N ILE C 178 -23.98 11.15 -18.21
CA ILE C 178 -23.84 11.47 -16.79
C ILE C 178 -24.29 10.26 -15.97
N LYS C 179 -25.44 9.68 -16.32
CA LYS C 179 -25.95 8.58 -15.54
C LYS C 179 -25.01 7.37 -15.57
N LYS C 180 -24.41 7.09 -16.73
CA LYS C 180 -23.43 5.99 -16.83
C LYS C 180 -22.16 6.29 -16.03
N MET C 181 -21.81 7.57 -16.00
CA MET C 181 -20.64 8.04 -15.25
C MET C 181 -20.83 7.92 -13.74
N CYS C 182 -22.08 8.10 -13.28
CA CYS C 182 -22.37 8.21 -11.86
C CYS C 182 -22.99 6.96 -11.24
N ARG C 183 -23.69 6.18 -12.06
CA ARG C 183 -24.29 4.95 -11.57
C ARG C 183 -23.19 3.91 -11.40
N VAL C 184 -23.00 3.45 -10.16
CA VAL C 184 -21.94 2.51 -9.84
C VAL C 184 -22.51 1.15 -9.42
N LEU C 185 -21.92 0.08 -9.99
CA LEU C 185 -22.31 -1.30 -9.70
C LEU C 185 -22.26 -1.64 -8.21
N PRO C 186 -23.32 -2.31 -7.71
CA PRO C 186 -23.35 -2.81 -6.34
C PRO C 186 -22.07 -3.56 -5.95
N LEU C 187 -21.63 -3.39 -4.71
CA LEU C 187 -20.37 -3.96 -4.23
C LEU C 187 -20.42 -5.47 -4.03
N SER C 188 -21.61 -5.99 -3.68
CA SER C 188 -21.81 -7.43 -3.51
C SER C 188 -23.24 -7.85 -3.77
N SER C 214 -27.72 -0.11 -6.79
CA SER C 214 -26.92 0.82 -7.58
C SER C 214 -26.77 2.20 -6.91
N ALA C 215 -25.59 2.46 -6.37
CA ALA C 215 -25.30 3.74 -5.77
C ALA C 215 -24.98 4.81 -6.83
N TRP C 216 -24.82 6.05 -6.39
CA TRP C 216 -24.55 7.18 -7.26
C TRP C 216 -23.30 7.88 -6.76
N LYS C 217 -22.32 8.05 -7.64
CA LYS C 217 -21.13 8.85 -7.35
C LYS C 217 -21.49 10.33 -7.36
N PRO C 218 -21.27 11.05 -6.24
CA PRO C 218 -21.52 12.49 -6.23
C PRO C 218 -20.85 13.19 -7.41
N LEU C 219 -21.60 14.09 -8.05
CA LEU C 219 -21.21 14.62 -9.36
C LEU C 219 -20.81 16.07 -9.33
N LEU C 220 -19.61 16.34 -9.82
CA LEU C 220 -19.18 17.68 -10.16
C LEU C 220 -19.44 17.90 -11.65
N LEU C 221 -20.38 18.78 -11.96
CA LEU C 221 -20.81 19.02 -13.33
C LEU C 221 -20.30 20.39 -13.77
N ILE C 222 -19.42 20.42 -14.77
CA ILE C 222 -18.82 21.65 -15.28
C ILE C 222 -19.26 21.88 -16.73
N VAL C 223 -19.75 23.09 -17.01
CA VAL C 223 -20.23 23.48 -18.35
C VAL C 223 -19.42 24.67 -18.86
N PRO C 224 -18.34 24.40 -19.61
CA PRO C 224 -17.60 25.52 -20.19
C PRO C 224 -18.41 26.17 -21.32
N LEU C 225 -18.42 27.50 -21.37
CA LEU C 225 -19.23 28.23 -22.33
C LEU C 225 -18.49 29.44 -22.85
N ARG C 226 -18.82 29.83 -24.07
CA ARG C 226 -18.37 31.09 -24.66
C ARG C 226 -19.60 31.94 -24.96
N LEU C 227 -19.84 32.98 -24.15
CA LEU C 227 -21.09 33.74 -24.20
C LEU C 227 -21.06 34.98 -25.10
N GLY C 228 -20.14 35.01 -26.07
CA GLY C 228 -20.00 36.13 -27.00
C GLY C 228 -18.57 36.17 -27.50
N ILE C 229 -18.29 37.02 -28.47
CA ILE C 229 -16.94 37.08 -29.05
C ILE C 229 -15.98 37.82 -28.12
N ASN C 230 -16.23 39.10 -27.89
CA ASN C 230 -15.34 39.90 -27.06
C ASN C 230 -15.97 40.25 -25.72
N GLN C 231 -17.29 40.30 -25.70
CA GLN C 231 -18.05 40.64 -24.52
C GLN C 231 -19.22 39.68 -24.39
N ILE C 232 -19.70 39.48 -23.16
CA ILE C 232 -20.89 38.68 -22.95
C ILE C 232 -22.07 39.30 -23.71
N ASN C 233 -22.78 38.45 -24.43
CA ASN C 233 -24.00 38.83 -25.11
C ASN C 233 -25.13 39.00 -24.07
N PRO C 234 -25.72 40.21 -23.98
CA PRO C 234 -26.84 40.51 -23.09
C PRO C 234 -27.97 39.48 -23.07
N VAL C 235 -28.18 38.77 -24.18
CA VAL C 235 -29.26 37.78 -24.28
C VAL C 235 -29.06 36.59 -23.33
N TYR C 236 -27.86 36.44 -22.77
CA TYR C 236 -27.53 35.31 -21.88
C TYR C 236 -27.55 35.67 -20.41
N VAL C 237 -27.76 36.95 -20.11
CA VAL C 237 -27.62 37.46 -18.75
C VAL C 237 -28.62 36.81 -17.79
N ASP C 238 -29.89 36.82 -18.16
CA ASP C 238 -30.94 36.24 -17.32
C ASP C 238 -30.66 34.76 -17.03
N ALA C 239 -30.34 33.99 -18.07
CA ALA C 239 -30.04 32.56 -17.93
C ALA C 239 -28.79 32.31 -17.08
N PHE C 240 -27.79 33.16 -17.23
CA PHE C 240 -26.58 33.09 -16.40
C PHE C 240 -26.93 33.29 -14.94
N LYS C 241 -27.72 34.32 -14.65
CA LYS C 241 -28.23 34.59 -13.30
C LYS C 241 -29.03 33.39 -12.76
N GLU C 242 -29.92 32.84 -13.57
CA GLU C 242 -30.75 31.71 -13.16
C GLU C 242 -29.94 30.56 -12.57
N CYS C 243 -28.75 30.32 -13.13
CA CYS C 243 -27.88 29.24 -12.67
C CYS C 243 -27.50 29.37 -11.20
N PHE C 244 -27.27 30.59 -10.74
CA PHE C 244 -26.87 30.83 -9.35
C PHE C 244 -28.00 30.60 -8.37
N LYS C 245 -29.23 30.53 -8.88
CA LYS C 245 -30.41 30.32 -8.03
C LYS C 245 -30.67 28.85 -7.77
N MET C 246 -30.04 27.99 -8.57
CA MET C 246 -30.27 26.54 -8.46
C MET C 246 -29.54 26.00 -7.21
N PRO C 247 -30.23 25.13 -6.43
CA PRO C 247 -29.60 24.61 -5.21
C PRO C 247 -28.28 23.87 -5.48
N GLN C 248 -28.13 23.36 -6.71
CA GLN C 248 -26.92 22.64 -7.11
C GLN C 248 -25.76 23.56 -7.53
N SER C 249 -26.02 24.87 -7.64
CA SER C 249 -25.03 25.83 -8.15
C SER C 249 -23.73 25.92 -7.36
N LEU C 250 -22.61 25.69 -8.05
CA LEU C 250 -21.29 26.00 -7.52
C LEU C 250 -20.77 27.31 -8.07
N GLY C 251 -21.65 28.11 -8.67
CA GLY C 251 -21.24 29.37 -9.25
C GLY C 251 -20.58 29.16 -10.60
N ALA C 252 -19.52 29.93 -10.87
CA ALA C 252 -18.87 29.90 -12.18
C ALA C 252 -17.41 30.31 -12.06
N LEU C 253 -16.60 29.74 -12.96
CA LEU C 253 -15.23 30.18 -13.18
C LEU C 253 -15.20 31.15 -14.38
N GLY C 254 -14.37 32.18 -14.30
CA GLY C 254 -14.27 33.13 -15.38
C GLY C 254 -13.24 34.20 -15.13
N GLY C 255 -13.19 35.17 -16.02
CA GLY C 255 -12.22 36.24 -15.96
C GLY C 255 -11.27 36.26 -17.13
N LYS C 256 -10.69 37.44 -17.37
CA LYS C 256 -9.65 37.61 -18.38
C LYS C 256 -8.34 36.96 -17.90
N PRO C 257 -7.39 36.66 -18.81
CA PRO C 257 -6.10 36.11 -18.40
C PRO C 257 -5.47 36.86 -17.22
N ASN C 258 -5.02 36.10 -16.22
CA ASN C 258 -4.43 36.64 -14.99
C ASN C 258 -5.39 37.52 -14.17
N ASN C 259 -6.67 37.46 -14.52
CA ASN C 259 -7.74 38.13 -13.78
C ASN C 259 -8.94 37.19 -13.59
N ALA C 260 -8.65 35.97 -13.14
CA ALA C 260 -9.69 34.97 -12.90
C ALA C 260 -10.36 35.21 -11.56
N TYR C 261 -11.68 34.99 -11.52
CA TYR C 261 -12.42 35.11 -10.29
C TYR C 261 -13.38 33.93 -10.14
N TYR C 262 -13.77 33.65 -8.91
CA TYR C 262 -14.74 32.61 -8.61
C TYR C 262 -16.06 33.31 -8.29
N PHE C 263 -16.99 33.26 -9.23
CA PHE C 263 -18.28 33.94 -9.10
C PHE C 263 -19.22 33.04 -8.34
N ILE C 264 -19.81 33.58 -7.29
CA ILE C 264 -20.60 32.79 -6.35
C ILE C 264 -22.05 33.26 -6.27
N GLY C 265 -22.38 34.32 -6.97
CA GLY C 265 -23.74 34.83 -6.96
C GLY C 265 -23.88 36.19 -7.60
N PHE C 266 -25.01 36.84 -7.32
CA PHE C 266 -25.34 38.11 -7.96
C PHE C 266 -26.37 38.91 -7.15
N LEU C 267 -26.33 40.23 -7.37
CA LEU C 267 -27.34 41.16 -6.90
C LEU C 267 -27.53 42.15 -8.04
N GLY C 268 -28.76 42.27 -8.54
CA GLY C 268 -29.04 43.16 -9.67
C GLY C 268 -28.16 42.78 -10.85
N ASP C 269 -27.49 43.77 -11.44
CA ASP C 269 -26.58 43.52 -12.56
C ASP C 269 -25.12 43.28 -12.15
N GLU C 270 -24.90 42.97 -10.88
CA GLU C 270 -23.53 42.69 -10.42
C GLU C 270 -23.37 41.26 -9.96
N LEU C 271 -22.27 40.63 -10.38
CA LEU C 271 -21.86 39.33 -9.87
C LEU C 271 -21.02 39.50 -8.62
N ILE C 272 -21.23 38.65 -7.64
CA ILE C 272 -20.41 38.62 -6.44
C ILE C 272 -19.35 37.54 -6.63
N PHE C 273 -18.11 37.85 -6.28
CA PHE C 273 -16.99 36.95 -6.52
C PHE C 273 -15.97 36.89 -5.38
N LEU C 274 -15.28 35.77 -5.28
CA LEU C 274 -14.12 35.63 -4.41
C LEU C 274 -12.89 35.84 -5.27
N ASP C 275 -11.89 36.48 -4.67
CA ASP C 275 -10.77 37.07 -5.40
C ASP C 275 -9.48 36.43 -4.90
N PRO C 276 -8.79 35.67 -5.77
CA PRO C 276 -7.55 35.03 -5.35
C PRO C 276 -6.30 35.92 -5.40
N HIS C 277 -6.43 37.17 -5.82
CA HIS C 277 -5.21 37.93 -6.16
C HIS C 277 -4.44 38.57 -5.00
N THR C 278 -4.60 38.04 -3.79
CA THR C 278 -3.80 38.47 -2.64
C THR C 278 -2.71 37.44 -2.40
N THR C 279 -1.45 37.86 -2.47
CA THR C 279 -0.37 36.95 -2.21
C THR C 279 -0.21 36.77 -0.71
N GLN C 280 -0.33 35.52 -0.25
CA GLN C 280 -0.16 35.20 1.18
C GLN C 280 0.97 34.19 1.35
N THR C 281 1.66 34.24 2.48
CA THR C 281 2.71 33.25 2.79
C THR C 281 2.10 31.89 3.01
N PHE C 282 2.80 30.87 2.51
CA PHE C 282 2.46 29.47 2.73
C PHE C 282 2.14 29.21 4.21
N VAL C 283 1.01 28.55 4.45
CA VAL C 283 0.60 28.07 5.74
C VAL C 283 0.58 26.55 5.69
N ASP C 284 1.26 25.91 6.64
CA ASP C 284 1.33 24.45 6.70
C ASP C 284 0.58 23.93 7.94
N THR C 285 0.36 22.63 7.99
CA THR C 285 -0.21 21.97 9.17
C THR C 285 0.69 22.11 10.40
N GLU C 286 0.06 22.10 11.57
CA GLU C 286 0.73 22.15 12.88
C GLU C 286 1.12 20.75 13.36
N GLU C 287 1.83 20.70 14.48
CA GLU C 287 2.22 19.45 15.16
C GLU C 287 1.04 18.53 15.44
N ASN C 288 -0.11 19.10 15.77
CA ASN C 288 -1.32 18.32 16.05
C ASN C 288 -2.03 17.81 14.79
N GLY C 289 -1.53 18.21 13.62
CA GLY C 289 -2.03 17.70 12.34
C GLY C 289 -3.15 18.51 11.72
N THR C 290 -3.47 19.65 12.35
CA THR C 290 -4.47 20.57 11.82
C THR C 290 -3.76 21.76 11.19
N VAL C 291 -4.48 22.48 10.33
CA VAL C 291 -3.98 23.74 9.81
C VAL C 291 -4.87 24.90 10.29
N ASN C 292 -4.23 26.01 10.64
CA ASN C 292 -4.92 27.25 10.95
C ASN C 292 -5.64 27.77 9.71
N ASP C 293 -6.97 27.89 9.80
CA ASP C 293 -7.78 28.23 8.64
C ASP C 293 -8.06 29.73 8.45
N GLN C 294 -7.44 30.59 9.25
CA GLN C 294 -7.67 32.05 9.17
C GLN C 294 -7.41 32.66 7.79
N THR C 295 -6.34 32.25 7.11
CA THR C 295 -6.02 32.83 5.81
C THR C 295 -6.90 32.24 4.69
N PHE C 296 -7.75 31.29 5.05
CA PHE C 296 -8.56 30.54 4.07
C PHE C 296 -10.03 30.92 4.06
N HIS C 297 -10.34 32.04 4.70
CA HIS C 297 -11.69 32.61 4.73
C HIS C 297 -11.60 34.11 4.51
N CYS C 298 -12.37 34.61 3.56
CA CYS C 298 -12.29 36.03 3.22
C CYS C 298 -13.23 36.86 4.06
N LEU C 299 -12.66 37.81 4.78
CA LEU C 299 -13.42 38.68 5.68
C LEU C 299 -13.79 40.04 5.08
N GLN C 300 -13.16 40.39 3.95
N GLN C 300 -13.18 40.37 3.94
CA GLN C 300 -13.38 41.69 3.32
CA GLN C 300 -13.42 41.63 3.24
C GLN C 300 -14.80 41.79 2.75
C GLN C 300 -14.88 41.78 2.87
N SER C 301 -15.33 43.01 2.69
CA SER C 301 -16.68 43.26 2.15
C SER C 301 -16.78 42.64 0.74
N PRO C 302 -17.93 41.99 0.43
CA PRO C 302 -18.06 41.22 -0.81
C PRO C 302 -17.73 42.03 -2.06
N GLN C 303 -16.99 41.41 -2.99
CA GLN C 303 -16.59 42.08 -4.20
C GLN C 303 -17.62 41.91 -5.30
N ARG C 304 -17.80 42.96 -6.09
CA ARG C 304 -18.83 43.00 -7.11
C ARG C 304 -18.28 43.42 -8.45
N MET C 305 -18.75 42.74 -9.48
CA MET C 305 -18.41 43.08 -10.85
C MET C 305 -19.69 43.20 -11.66
N ASN C 306 -19.90 44.35 -12.30
CA ASN C 306 -20.97 44.45 -13.32
C ASN C 306 -20.81 43.34 -14.34
N ILE C 307 -21.89 42.61 -14.59
CA ILE C 307 -21.90 41.45 -15.50
C ILE C 307 -21.31 41.75 -16.88
N LEU C 308 -21.50 42.96 -17.39
CA LEU C 308 -20.91 43.30 -18.68
C LEU C 308 -19.37 43.40 -18.67
N ASN C 309 -18.77 43.42 -17.47
CA ASN C 309 -17.31 43.36 -17.34
C ASN C 309 -16.77 41.92 -17.33
N LEU C 310 -17.68 40.94 -17.45
CA LEU C 310 -17.27 39.54 -17.43
C LEU C 310 -16.82 39.05 -18.80
N ASP C 311 -15.60 38.50 -18.86
CA ASP C 311 -15.10 37.84 -20.08
C ASP C 311 -16.11 36.77 -20.50
N PRO C 312 -16.37 36.66 -21.82
CA PRO C 312 -17.35 35.68 -22.32
C PRO C 312 -17.01 34.20 -22.13
N SER C 313 -15.74 33.87 -21.88
CA SER C 313 -15.37 32.48 -21.60
C SER C 313 -15.54 32.17 -20.10
N VAL C 314 -16.50 31.31 -19.80
CA VAL C 314 -16.82 30.94 -18.43
C VAL C 314 -16.96 29.42 -18.32
N ALA C 315 -16.96 28.92 -17.09
CA ALA C 315 -17.46 27.55 -16.84
C ALA C 315 -18.41 27.55 -15.64
N LEU C 316 -19.63 27.07 -15.86
CA LEU C 316 -20.59 26.89 -14.78
C LEU C 316 -20.21 25.63 -14.05
N GLY C 317 -20.39 25.63 -12.72
CA GLY C 317 -20.29 24.40 -11.95
C GLY C 317 -21.58 24.08 -11.20
N PHE C 318 -21.91 22.80 -11.13
CA PHE C 318 -23.01 22.30 -10.32
C PHE C 318 -22.56 21.05 -9.59
N PHE C 319 -23.15 20.85 -8.40
CA PHE C 319 -22.87 19.67 -7.60
C PHE C 319 -24.16 18.88 -7.38
N CYS C 320 -24.15 17.61 -7.78
CA CYS C 320 -25.32 16.73 -7.60
C CYS C 320 -24.93 15.52 -6.76
N LYS C 321 -25.24 15.58 -5.47
CA LYS C 321 -24.82 14.55 -4.52
C LYS C 321 -25.43 13.18 -4.80
N GLU C 322 -26.73 13.17 -5.12
CA GLU C 322 -27.47 11.96 -5.41
C GLU C 322 -28.17 12.10 -6.75
N GLU C 323 -28.73 11.02 -7.26
CA GLU C 323 -29.40 11.04 -8.55
C GLU C 323 -30.58 12.00 -8.56
N LYS C 324 -31.32 12.02 -7.45
CA LYS C 324 -32.45 12.94 -7.29
C LYS C 324 -32.03 14.42 -7.45
N ASP C 325 -30.79 14.72 -7.07
CA ASP C 325 -30.25 16.08 -7.22
C ASP C 325 -29.99 16.44 -8.69
N PHE C 326 -29.48 15.48 -9.46
CA PHE C 326 -29.27 15.69 -10.89
C PHE C 326 -30.60 15.78 -11.64
N ASP C 327 -31.54 14.91 -11.27
CA ASP C 327 -32.88 14.93 -11.86
C ASP C 327 -33.55 16.27 -11.64
N ASN C 328 -33.49 16.77 -10.41
CA ASN C 328 -33.97 18.11 -10.10
C ASN C 328 -33.28 19.21 -10.91
N TRP C 329 -31.96 19.17 -10.99
CA TRP C 329 -31.22 20.13 -11.79
C TRP C 329 -31.69 20.14 -13.25
N CYS C 330 -31.86 18.96 -13.84
CA CYS C 330 -32.38 18.83 -15.21
C CYS C 330 -33.72 19.57 -15.39
N SER C 331 -34.64 19.36 -14.45
CA SER C 331 -35.93 20.07 -14.44
C SER C 331 -35.80 21.60 -14.36
N LEU C 332 -34.88 22.07 -13.52
CA LEU C 332 -34.62 23.51 -13.43
C LEU C 332 -34.03 24.06 -14.73
N VAL C 333 -33.11 23.31 -15.32
CA VAL C 333 -32.49 23.70 -16.60
C VAL C 333 -33.57 23.74 -17.70
N GLN C 334 -34.35 22.68 -17.80
CA GLN C 334 -35.46 22.60 -18.75
C GLN C 334 -36.40 23.79 -18.62
N LYS C 335 -36.73 24.14 -17.39
CA LYS C 335 -37.58 25.29 -17.12
C LYS C 335 -36.94 26.65 -17.42
N GLU C 336 -35.76 26.90 -16.86
CA GLU C 336 -35.19 28.26 -16.82
C GLU C 336 -34.19 28.58 -17.93
N ILE C 337 -33.56 27.55 -18.47
CA ILE C 337 -32.49 27.72 -19.43
C ILE C 337 -32.98 27.41 -20.85
N LEU C 338 -33.59 26.24 -21.00
CA LEU C 338 -33.96 25.72 -22.33
C LEU C 338 -35.14 26.45 -22.97
N LYS C 339 -35.85 27.23 -22.15
CA LYS C 339 -37.00 28.03 -22.60
C LYS C 339 -36.61 29.15 -23.56
N GLU C 340 -35.34 29.53 -23.58
CA GLU C 340 -34.90 30.69 -24.36
C GLU C 340 -34.73 30.33 -25.82
N ASN C 341 -34.88 31.32 -26.69
CA ASN C 341 -34.64 31.15 -28.13
C ASN C 341 -33.15 30.87 -28.37
N LEU C 342 -32.30 31.75 -27.83
CA LEU C 342 -30.86 31.50 -27.82
C LEU C 342 -30.54 30.86 -26.48
N ARG C 343 -30.44 29.53 -26.47
CA ARG C 343 -30.14 28.78 -25.27
C ARG C 343 -28.66 28.93 -24.90
N MET C 344 -28.40 29.16 -23.62
CA MET C 344 -27.04 29.31 -23.14
C MET C 344 -26.27 28.00 -23.26
N PHE C 345 -26.96 26.87 -23.04
CA PHE C 345 -26.42 25.54 -23.34
C PHE C 345 -27.53 24.53 -23.61
N GLU C 346 -27.17 23.36 -24.09
CA GLU C 346 -28.14 22.32 -24.38
C GLU C 346 -28.11 21.22 -23.33
N LEU C 347 -29.27 20.62 -23.11
CA LEU C 347 -29.39 19.46 -22.24
C LEU C 347 -30.20 18.41 -22.99
N VAL C 348 -29.55 17.30 -23.32
CA VAL C 348 -30.16 16.29 -24.18
C VAL C 348 -30.16 14.94 -23.49
N GLN C 349 -31.08 14.07 -23.89
CA GLN C 349 -31.17 12.75 -23.29
C GLN C 349 -30.04 11.84 -23.79
N LYS C 350 -29.88 11.72 -25.10
CA LYS C 350 -29.00 10.73 -25.72
C LYS C 350 -27.74 11.33 -26.34
N HIS C 351 -26.67 10.46 -26.54
CA HIS C 351 -25.43 10.99 -27.06
C HIS C 351 -25.66 11.45 -28.50
N PRO C 352 -25.32 12.73 -28.81
CA PRO C 352 -25.57 13.26 -30.16
C PRO C 352 -25.13 12.25 -31.23
N SER C 353 -26.06 11.92 -32.13
CA SER C 353 -25.81 11.01 -33.25
C SER C 353 -24.72 11.59 -34.15
N HIS C 354 -23.75 10.76 -34.53
CA HIS C 354 -22.62 11.20 -35.37
C HIS C 354 -22.53 10.38 -36.66
N TRP C 355 -22.18 11.03 -37.76
CA TRP C 355 -21.98 10.33 -39.04
C TRP C 355 -20.79 9.36 -38.96
N ASP D 22 9.65 -13.08 -53.22
CA ASP D 22 10.32 -12.63 -51.96
C ASP D 22 10.03 -11.15 -51.69
N GLU D 23 8.83 -10.88 -51.21
CA GLU D 23 8.35 -9.52 -51.04
C GLU D 23 8.87 -8.89 -49.76
N LEU D 24 8.97 -7.56 -49.75
CA LEU D 24 9.31 -6.83 -48.54
C LEU D 24 8.06 -6.67 -47.68
N VAL D 25 8.20 -7.05 -46.42
CA VAL D 25 7.12 -6.95 -45.44
C VAL D 25 7.55 -5.95 -44.38
N TRP D 26 6.65 -5.02 -44.03
CA TRP D 26 6.93 -4.10 -42.93
C TRP D 26 6.16 -4.46 -41.67
N ILE D 27 6.88 -4.57 -40.56
CA ILE D 27 6.26 -4.75 -39.24
C ILE D 27 6.81 -3.70 -38.28
N LEU D 28 5.93 -2.80 -37.83
CA LEU D 28 6.27 -1.82 -36.79
C LEU D 28 7.61 -1.13 -37.00
N GLY D 29 7.82 -0.60 -38.21
CA GLY D 29 9.04 0.14 -38.55
C GLY D 29 10.26 -0.71 -38.91
N LYS D 30 10.05 -2.01 -39.06
CA LYS D 30 11.12 -2.93 -39.48
C LYS D 30 10.76 -3.71 -40.73
N GLN D 31 11.71 -3.83 -41.64
CA GLN D 31 11.49 -4.56 -42.89
C GLN D 31 11.96 -6.01 -42.80
N HIS D 32 11.23 -6.90 -43.47
CA HIS D 32 11.55 -8.31 -43.55
C HIS D 32 11.34 -8.77 -44.99
N LEU D 33 12.19 -9.68 -45.45
CA LEU D 33 11.97 -10.34 -46.73
C LEU D 33 11.08 -11.55 -46.50
N LEU D 34 9.95 -11.59 -47.21
CA LEU D 34 8.90 -12.59 -46.97
C LEU D 34 9.40 -14.04 -46.96
N LYS D 35 10.18 -14.40 -47.99
CA LYS D 35 10.67 -15.76 -48.15
C LYS D 35 12.10 -15.95 -47.61
N THR D 36 13.00 -15.07 -48.03
CA THR D 36 14.42 -15.13 -47.63
C THR D 36 14.62 -14.92 -46.12
N GLU D 37 13.74 -14.13 -45.51
CA GLU D 37 13.81 -13.87 -44.06
C GLU D 37 12.52 -14.27 -43.32
N LYS D 38 11.85 -15.31 -43.82
CA LYS D 38 10.59 -15.79 -43.25
C LYS D 38 10.64 -16.02 -41.74
N SER D 39 11.63 -16.78 -41.27
CA SER D 39 11.72 -17.11 -39.85
C SER D 39 11.93 -15.87 -38.97
N LYS D 40 12.75 -14.93 -39.43
CA LYS D 40 12.93 -13.64 -38.78
C LYS D 40 11.61 -12.87 -38.70
N LEU D 41 10.85 -12.87 -39.79
CA LEU D 41 9.54 -12.22 -39.83
C LEU D 41 8.60 -12.84 -38.81
N LEU D 42 8.50 -14.17 -38.81
CA LEU D 42 7.58 -14.86 -37.91
C LEU D 42 8.00 -14.73 -36.46
N SER D 43 9.31 -14.69 -36.20
CA SER D 43 9.81 -14.49 -34.84
C SER D 43 9.47 -13.09 -34.33
N ASP D 44 9.67 -12.09 -35.19
CA ASP D 44 9.36 -10.69 -34.86
C ASP D 44 7.90 -10.51 -34.44
N ILE D 45 6.99 -11.17 -35.15
CA ILE D 45 5.56 -11.09 -34.86
C ILE D 45 5.21 -11.82 -33.55
N SER D 46 5.72 -13.05 -33.38
N SER D 46 5.72 -13.04 -33.39
CA SER D 46 5.49 -13.83 -32.17
CA SER D 46 5.48 -13.82 -32.16
C SER D 46 6.12 -13.21 -30.92
C SER D 46 6.08 -13.16 -30.92
N ALA D 47 7.18 -12.43 -31.12
CA ALA D 47 7.87 -11.71 -30.04
C ALA D 47 7.02 -10.62 -29.41
N ARG D 48 6.07 -10.10 -30.16
CA ARG D 48 5.21 -9.06 -29.64
C ARG D 48 4.29 -9.57 -28.51
N LEU D 49 4.06 -8.70 -27.52
CA LEU D 49 3.15 -9.02 -26.45
C LEU D 49 1.70 -9.05 -26.96
N TRP D 50 1.09 -10.21 -26.82
CA TRP D 50 -0.24 -10.51 -27.34
C TRP D 50 -1.22 -10.60 -26.18
N PHE D 51 -2.28 -9.79 -26.25
CA PHE D 51 -3.32 -9.81 -25.21
C PHE D 51 -4.67 -10.17 -25.81
N THR D 52 -5.26 -11.22 -25.26
CA THR D 52 -6.53 -11.75 -25.72
C THR D 52 -7.57 -11.56 -24.64
N TYR D 53 -8.84 -11.80 -25.00
CA TYR D 53 -9.91 -11.99 -24.02
C TYR D 53 -9.41 -12.92 -22.92
N ARG D 54 -9.86 -12.66 -21.69
CA ARG D 54 -9.56 -13.54 -20.57
C ARG D 54 -10.84 -13.90 -19.83
N ARG D 55 -10.80 -14.97 -19.06
CA ARG D 55 -11.93 -15.36 -18.24
C ARG D 55 -11.44 -15.90 -16.90
N LYS D 56 -12.36 -15.98 -15.95
CA LYS D 56 -12.08 -16.43 -14.59
C LYS D 56 -11.15 -15.48 -13.84
N PHE D 57 -11.21 -14.19 -14.19
CA PHE D 57 -10.57 -13.20 -13.32
C PHE D 57 -11.56 -12.66 -12.29
N SER D 58 -11.06 -11.93 -11.30
CA SER D 58 -11.90 -11.38 -10.25
C SER D 58 -12.85 -10.35 -10.88
N PRO D 59 -14.15 -10.41 -10.52
CA PRO D 59 -15.16 -9.52 -11.12
C PRO D 59 -14.78 -8.04 -11.09
N ILE D 60 -14.96 -7.36 -12.21
CA ILE D 60 -14.67 -5.94 -12.30
C ILE D 60 -15.70 -5.17 -11.46
N GLY D 61 -15.21 -4.35 -10.54
CA GLY D 61 -16.09 -3.60 -9.63
C GLY D 61 -16.88 -4.47 -8.65
N GLY D 62 -16.42 -5.70 -8.41
CA GLY D 62 -17.06 -6.60 -7.45
C GLY D 62 -18.19 -7.47 -7.99
N THR D 63 -19.13 -6.86 -8.72
CA THR D 63 -20.25 -7.61 -9.26
C THR D 63 -20.30 -7.56 -10.79
N GLY D 64 -19.30 -6.92 -11.40
CA GLY D 64 -19.19 -6.86 -12.85
C GLY D 64 -18.67 -8.15 -13.46
N PRO D 65 -18.24 -8.11 -14.74
CA PRO D 65 -17.73 -9.25 -15.48
C PRO D 65 -16.47 -9.86 -14.89
N SER D 66 -16.38 -11.19 -15.02
CA SER D 66 -15.17 -11.95 -14.70
C SER D 66 -14.52 -12.40 -16.00
N SER D 67 -15.06 -11.92 -17.12
CA SER D 67 -14.51 -12.18 -18.44
C SER D 67 -14.85 -11.01 -19.36
N ASP D 68 -13.93 -10.67 -20.27
CA ASP D 68 -14.18 -9.61 -21.25
C ASP D 68 -14.48 -10.15 -22.63
N ALA D 69 -14.65 -11.47 -22.73
CA ALA D 69 -15.10 -12.11 -23.96
C ALA D 69 -16.40 -11.45 -24.43
N GLY D 70 -16.42 -11.06 -25.71
CA GLY D 70 -17.57 -10.41 -26.32
C GLY D 70 -17.61 -8.89 -26.23
N TRP D 71 -16.68 -8.28 -25.49
CA TRP D 71 -16.70 -6.81 -25.36
C TRP D 71 -15.35 -6.12 -25.22
N GLY D 72 -14.34 -6.83 -24.73
CA GLY D 72 -13.09 -6.18 -24.37
C GLY D 72 -12.03 -6.02 -25.45
N CYS D 73 -12.37 -6.31 -26.70
CA CYS D 73 -11.32 -6.42 -27.74
C CYS D 73 -10.55 -5.13 -28.05
N MET D 74 -11.23 -3.98 -28.08
CA MET D 74 -10.50 -2.72 -28.27
C MET D 74 -9.60 -2.39 -27.08
N LEU D 75 -10.04 -2.71 -25.87
CA LEU D 75 -9.17 -2.56 -24.70
C LEU D 75 -7.92 -3.43 -24.87
N ARG D 76 -8.11 -4.66 -25.36
CA ARG D 76 -7.00 -5.59 -25.60
C ARG D 76 -6.01 -5.08 -26.64
N CYS D 77 -6.51 -4.50 -27.74
CA CYS D 77 -5.66 -3.87 -28.75
C CYS D 77 -4.91 -2.66 -28.16
N GLY D 78 -5.60 -1.90 -27.29
CA GLY D 78 -4.99 -0.81 -26.55
C GLY D 78 -3.82 -1.29 -25.70
N GLN D 79 -4.04 -2.38 -24.96
CA GLN D 79 -2.97 -3.03 -24.19
C GLN D 79 -1.79 -3.42 -25.07
N MET D 80 -2.08 -4.02 -26.23
CA MET D 80 -1.02 -4.45 -27.15
C MET D 80 -0.18 -3.29 -27.67
N MET D 81 -0.83 -2.19 -28.04
CA MET D 81 -0.09 -1.04 -28.54
C MET D 81 0.79 -0.42 -27.44
N LEU D 82 0.25 -0.31 -26.23
CA LEU D 82 0.97 0.31 -25.14
C LEU D 82 2.15 -0.56 -24.73
N ALA D 83 1.90 -1.87 -24.61
CA ALA D 83 2.93 -2.85 -24.28
C ALA D 83 4.13 -2.72 -25.23
N GLN D 84 3.82 -2.54 -26.52
CA GLN D 84 4.86 -2.40 -27.52
C GLN D 84 5.67 -1.11 -27.34
N ALA D 85 5.02 -0.04 -26.90
CA ALA D 85 5.75 1.19 -26.57
C ALA D 85 6.70 0.94 -25.39
N LEU D 86 6.20 0.23 -24.38
CA LEU D 86 7.00 -0.03 -23.18
C LEU D 86 8.18 -0.98 -23.46
N ILE D 87 7.92 -1.99 -24.28
CA ILE D 87 8.98 -2.91 -24.71
C ILE D 87 10.10 -2.11 -25.37
N CYS D 88 9.74 -1.30 -26.37
CA CYS D 88 10.69 -0.45 -27.08
C CYS D 88 11.40 0.51 -26.13
N ARG D 89 10.63 1.09 -25.21
CA ARG D 89 11.17 2.04 -24.25
C ARG D 89 12.33 1.45 -23.43
N HIS D 90 12.14 0.23 -22.89
CA HIS D 90 13.12 -0.39 -21.99
C HIS D 90 14.09 -1.34 -22.66
N LEU D 91 13.62 -2.04 -23.69
CA LEU D 91 14.36 -3.14 -24.31
C LEU D 91 14.79 -2.85 -25.75
N GLY D 92 14.19 -1.83 -26.35
CA GLY D 92 14.48 -1.47 -27.74
C GLY D 92 13.67 -2.30 -28.71
N ARG D 93 13.57 -1.83 -29.95
CA ARG D 93 12.79 -2.48 -30.98
C ARG D 93 13.41 -3.81 -31.42
N ASP D 94 14.73 -3.91 -31.29
CA ASP D 94 15.42 -5.13 -31.71
C ASP D 94 15.33 -6.27 -30.70
N TRP D 95 14.81 -5.98 -29.49
CA TRP D 95 14.59 -7.01 -28.47
C TRP D 95 13.86 -8.21 -29.06
N SER D 96 14.26 -9.42 -28.67
CA SER D 96 13.59 -10.61 -29.17
C SER D 96 13.23 -11.63 -28.09
N TRP D 97 12.19 -12.39 -28.40
CA TRP D 97 11.65 -13.42 -27.53
C TRP D 97 11.63 -14.72 -28.31
N LYS D 99 11.73 -17.60 -25.62
CA LYS D 99 10.99 -18.77 -25.17
C LYS D 99 11.93 -19.85 -24.62
N GLU D 102 15.92 -16.28 -21.72
CA GLU D 102 16.42 -15.58 -20.54
C GLU D 102 16.27 -14.08 -20.71
N GLN D 103 15.39 -13.48 -19.93
CA GLN D 103 14.97 -12.10 -20.17
C GLN D 103 15.43 -11.12 -19.08
N PRO D 104 15.73 -9.86 -19.48
CA PRO D 104 16.02 -8.81 -18.49
C PRO D 104 14.80 -8.50 -17.63
N LYS D 105 15.04 -8.01 -16.41
CA LYS D 105 13.97 -7.80 -15.42
C LYS D 105 12.80 -6.93 -15.91
N GLU D 106 13.09 -5.94 -16.76
CA GLU D 106 12.06 -5.03 -17.28
C GLU D 106 10.96 -5.74 -18.06
N TYR D 107 11.32 -6.82 -18.76
CA TYR D 107 10.37 -7.56 -19.57
C TYR D 107 9.17 -8.04 -18.74
N GLN D 108 9.49 -8.76 -17.68
CA GLN D 108 8.51 -9.31 -16.75
C GLN D 108 7.69 -8.18 -16.09
N ARG D 109 8.37 -7.10 -15.71
CA ARG D 109 7.69 -5.97 -15.11
C ARG D 109 6.73 -5.28 -16.10
N ILE D 110 7.10 -5.25 -17.37
CA ILE D 110 6.21 -4.70 -18.39
C ILE D 110 4.94 -5.55 -18.48
N LEU D 111 5.12 -6.85 -18.70
CA LEU D 111 4.03 -7.82 -18.85
C LEU D 111 3.06 -7.78 -17.68
N GLN D 112 3.62 -7.71 -16.48
CA GLN D 112 2.83 -7.75 -15.26
C GLN D 112 1.90 -6.53 -15.08
N CYS D 113 2.22 -5.42 -15.74
CA CYS D 113 1.35 -4.24 -15.77
C CYS D 113 -0.01 -4.52 -16.44
N PHE D 114 -0.06 -5.57 -17.25
CA PHE D 114 -1.24 -5.88 -18.08
C PHE D 114 -2.03 -7.11 -17.59
N LEU D 115 -1.64 -7.64 -16.44
CA LEU D 115 -2.34 -8.80 -15.87
C LEU D 115 -3.75 -8.39 -15.46
N ASP D 116 -4.68 -9.34 -15.51
CA ASP D 116 -6.08 -9.07 -15.22
C ASP D 116 -6.35 -9.04 -13.71
N ARG D 117 -5.73 -8.05 -13.07
CA ARG D 117 -5.87 -7.79 -11.64
C ARG D 117 -6.05 -6.30 -11.49
N LYS D 118 -6.94 -5.90 -10.58
CA LYS D 118 -7.19 -4.47 -10.34
C LYS D 118 -5.95 -3.73 -9.81
N ASP D 119 -5.01 -4.45 -9.19
CA ASP D 119 -3.76 -3.84 -8.70
C ASP D 119 -2.65 -3.68 -9.76
N CYS D 120 -2.94 -4.06 -11.01
CA CYS D 120 -2.00 -3.82 -12.10
C CYS D 120 -2.48 -2.64 -12.96
N CYS D 121 -1.58 -1.68 -13.19
CA CYS D 121 -2.00 -0.35 -13.66
C CYS D 121 -2.67 -0.31 -15.04
N TYR D 122 -2.38 -1.28 -15.90
CA TYR D 122 -2.99 -1.33 -17.23
C TYR D 122 -3.85 -2.57 -17.44
N SER D 123 -4.42 -3.07 -16.35
CA SER D 123 -5.29 -4.24 -16.39
C SER D 123 -6.61 -3.93 -17.07
N ILE D 124 -7.27 -5.00 -17.50
CA ILE D 124 -8.64 -4.91 -18.00
C ILE D 124 -9.56 -4.19 -16.99
N HIS D 125 -9.33 -4.45 -15.70
CA HIS D 125 -10.09 -3.81 -14.62
C HIS D 125 -9.93 -2.30 -14.66
N GLN D 126 -8.67 -1.85 -14.69
CA GLN D 126 -8.37 -0.43 -14.67
C GLN D 126 -8.87 0.27 -15.94
N MET D 127 -8.72 -0.41 -17.09
CA MET D 127 -9.18 0.15 -18.36
C MET D 127 -10.70 0.32 -18.42
N ALA D 128 -11.44 -0.75 -18.09
CA ALA D 128 -12.90 -0.67 -18.05
C ALA D 128 -13.40 0.39 -17.05
N GLN D 129 -12.76 0.44 -15.87
CA GLN D 129 -13.10 1.44 -14.86
C GLN D 129 -12.87 2.87 -15.36
N MET D 130 -11.73 3.11 -16.01
CA MET D 130 -11.41 4.41 -16.59
C MET D 130 -12.38 4.80 -17.72
N GLY D 131 -12.85 3.81 -18.48
CA GLY D 131 -13.86 4.03 -19.51
C GLY D 131 -15.14 4.62 -18.95
N VAL D 132 -15.49 4.25 -17.71
CA VAL D 132 -16.64 4.87 -17.03
C VAL D 132 -16.54 6.41 -17.00
N GLY D 133 -15.35 6.94 -16.69
CA GLY D 133 -15.13 8.38 -16.65
C GLY D 133 -15.22 9.05 -18.01
N GLU D 134 -15.26 8.23 -19.07
CA GLU D 134 -15.48 8.71 -20.43
C GLU D 134 -16.94 8.50 -20.85
N GLY D 135 -17.76 8.08 -19.90
CA GLY D 135 -19.20 7.87 -20.12
C GLY D 135 -19.52 6.53 -20.76
N LYS D 136 -18.65 5.54 -20.57
CA LYS D 136 -18.88 4.20 -21.09
C LYS D 136 -18.98 3.20 -19.94
N SER D 137 -20.15 2.60 -19.78
CA SER D 137 -20.38 1.56 -18.76
C SER D 137 -19.38 0.44 -18.88
N ILE D 138 -19.03 -0.16 -17.75
CA ILE D 138 -18.19 -1.36 -17.71
C ILE D 138 -18.90 -2.45 -18.52
N GLY D 139 -18.19 -2.99 -19.50
CA GLY D 139 -18.80 -3.97 -20.41
C GLY D 139 -19.16 -3.39 -21.77
N GLU D 140 -19.07 -2.07 -21.93
CA GLU D 140 -19.28 -1.45 -23.24
C GLU D 140 -18.01 -1.58 -24.08
N TRP D 141 -18.22 -1.87 -25.36
CA TRP D 141 -17.17 -1.76 -26.36
C TRP D 141 -17.16 -0.29 -26.73
N PHE D 142 -15.96 0.27 -26.89
CA PHE D 142 -15.81 1.61 -27.44
C PHE D 142 -14.61 1.73 -28.40
N GLY D 143 -14.64 2.78 -29.22
CA GLY D 143 -13.71 2.94 -30.34
C GLY D 143 -12.33 3.48 -29.99
N PRO D 144 -11.49 3.71 -31.03
CA PRO D 144 -10.10 4.16 -30.86
C PRO D 144 -9.89 5.48 -30.09
N ASN D 145 -10.72 6.50 -30.31
CA ASN D 145 -10.57 7.72 -29.52
C ASN D 145 -10.73 7.49 -28.02
N THR D 146 -11.80 6.78 -27.64
CA THR D 146 -12.07 6.52 -26.23
C THR D 146 -10.95 5.71 -25.57
N VAL D 147 -10.48 4.66 -26.24
CA VAL D 147 -9.37 3.87 -25.68
C VAL D 147 -8.08 4.70 -25.52
N ALA D 148 -7.81 5.58 -26.48
CA ALA D 148 -6.69 6.55 -26.40
C ALA D 148 -6.77 7.41 -25.14
N GLN D 149 -7.95 7.96 -24.88
CA GLN D 149 -8.20 8.76 -23.68
C GLN D 149 -8.04 7.90 -22.41
N VAL D 150 -8.49 6.66 -22.47
CA VAL D 150 -8.30 5.74 -21.35
C VAL D 150 -6.80 5.51 -21.06
N LEU D 151 -6.03 5.22 -22.09
CA LEU D 151 -4.57 5.04 -21.97
C LEU D 151 -3.88 6.30 -21.42
N LYS D 152 -4.30 7.47 -21.90
CA LYS D 152 -3.73 8.75 -21.44
C LYS D 152 -3.89 8.88 -19.92
N LYS D 153 -5.10 8.66 -19.43
CA LYS D 153 -5.39 8.76 -18.00
C LYS D 153 -4.68 7.68 -17.16
N LEU D 154 -4.64 6.45 -17.66
CA LEU D 154 -3.96 5.36 -16.92
C LEU D 154 -2.45 5.60 -16.77
N ALA D 155 -1.84 6.22 -17.78
CA ALA D 155 -0.41 6.56 -17.74
C ALA D 155 -0.05 7.44 -16.54
N LEU D 156 -1.03 8.21 -16.05
CA LEU D 156 -0.84 9.06 -14.88
C LEU D 156 -0.55 8.29 -13.60
N PHE D 157 -0.95 7.02 -13.57
CA PHE D 157 -0.80 6.19 -12.38
C PHE D 157 0.40 5.25 -12.45
N ASP D 158 1.18 5.38 -13.52
CA ASP D 158 2.38 4.58 -13.73
C ASP D 158 3.63 5.43 -13.49
N GLU D 159 4.16 5.39 -12.29
CA GLU D 159 5.32 6.20 -11.95
C GLU D 159 6.62 5.54 -12.44
N TRP D 160 6.61 4.22 -12.64
CA TRP D 160 7.77 3.55 -13.19
C TRP D 160 8.08 4.10 -14.58
N ASN D 161 7.08 4.09 -15.44
CA ASN D 161 7.27 4.50 -16.82
C ASN D 161 7.19 6.01 -17.04
N SER D 162 6.32 6.69 -16.30
CA SER D 162 6.09 8.14 -16.45
C SER D 162 6.03 8.55 -17.94
N LEU D 163 5.09 7.96 -18.68
CA LEU D 163 4.93 8.27 -20.09
C LEU D 163 4.16 9.56 -20.31
N ALA D 164 4.60 10.36 -21.28
CA ALA D 164 3.76 11.39 -21.84
C ALA D 164 2.86 10.71 -22.88
N VAL D 165 1.57 11.04 -22.84
CA VAL D 165 0.64 10.50 -23.82
C VAL D 165 -0.06 11.66 -24.48
N TYR D 166 0.07 11.75 -25.80
CA TYR D 166 -0.60 12.77 -26.60
C TYR D 166 -1.64 12.13 -27.48
N VAL D 167 -2.85 12.67 -27.45
CA VAL D 167 -3.90 12.19 -28.34
C VAL D 167 -4.35 13.40 -29.17
N SER D 168 -4.21 13.31 -30.48
CA SER D 168 -4.56 14.44 -31.31
C SER D 168 -6.08 14.61 -31.39
N MET D 169 -6.52 15.85 -31.59
N MET D 169 -6.53 15.84 -31.58
CA MET D 169 -7.90 16.15 -31.94
CA MET D 169 -7.91 16.08 -31.97
C MET D 169 -7.92 16.79 -33.32
C MET D 169 -7.94 16.82 -33.30
N ASP D 170 -9.07 16.69 -34.00
CA ASP D 170 -9.26 17.32 -35.32
C ASP D 170 -8.13 17.00 -36.32
N ASN D 171 -7.68 15.75 -36.32
CA ASN D 171 -6.64 15.25 -37.25
C ASN D 171 -5.32 16.05 -37.24
N THR D 172 -5.06 16.74 -36.14
CA THR D 172 -3.98 17.69 -36.09
C THR D 172 -3.04 17.40 -34.93
N VAL D 173 -1.76 17.30 -35.24
CA VAL D 173 -0.73 17.06 -34.23
C VAL D 173 -0.02 18.39 -34.02
N VAL D 174 0.03 18.86 -32.77
CA VAL D 174 0.61 20.17 -32.44
C VAL D 174 1.97 20.02 -31.74
N ILE D 175 3.02 20.32 -32.49
CA ILE D 175 4.40 20.18 -32.03
C ILE D 175 4.69 20.90 -30.71
N GLU D 176 4.31 22.17 -30.58
CA GLU D 176 4.65 22.87 -29.33
C GLU D 176 3.92 22.29 -28.11
N ASP D 177 2.69 21.80 -28.29
CA ASP D 177 1.95 21.13 -27.20
C ASP D 177 2.66 19.86 -26.76
N ILE D 178 3.17 19.11 -27.73
CA ILE D 178 3.93 17.89 -27.45
C ILE D 178 5.22 18.19 -26.69
N LYS D 179 5.96 19.22 -27.10
CA LYS D 179 7.20 19.58 -26.42
C LYS D 179 6.97 20.10 -25.01
N LYS D 180 5.87 20.83 -24.79
CA LYS D 180 5.51 21.30 -23.44
C LYS D 180 5.17 20.12 -22.52
N MET D 181 4.51 19.13 -23.11
CA MET D 181 4.09 17.91 -22.45
C MET D 181 5.28 17.02 -22.07
N CYS D 182 6.33 17.05 -22.92
CA CYS D 182 7.45 16.12 -22.80
C CYS D 182 8.76 16.68 -22.23
N ARG D 183 8.99 17.98 -22.41
CA ARG D 183 10.18 18.63 -21.85
C ARG D 183 9.95 18.80 -20.36
N VAL D 184 10.82 18.19 -19.56
CA VAL D 184 10.63 18.10 -18.11
C VAL D 184 11.71 18.86 -17.32
N LEU D 185 11.25 19.58 -16.29
CA LEU D 185 12.10 20.41 -15.44
C LEU D 185 13.28 19.66 -14.81
N PRO D 186 14.50 20.24 -14.92
CA PRO D 186 15.74 19.75 -14.30
C PRO D 186 15.56 19.07 -12.95
N ALA D 215 16.03 17.10 -21.38
CA ALA D 215 15.23 16.10 -20.65
C ALA D 215 13.88 15.87 -21.33
N TRP D 216 13.56 14.61 -21.59
CA TRP D 216 12.40 14.26 -22.37
C TRP D 216 11.65 13.05 -21.79
N LYS D 217 10.37 13.27 -21.52
CA LYS D 217 9.46 12.22 -21.09
C LYS D 217 9.12 11.38 -22.35
N PRO D 218 9.46 10.08 -22.34
CA PRO D 218 9.13 9.21 -23.48
C PRO D 218 7.66 9.33 -23.89
N LEU D 219 7.41 9.40 -25.19
CA LEU D 219 6.11 9.83 -25.72
C LEU D 219 5.35 8.74 -26.47
N LEU D 220 4.14 8.46 -25.99
CA LEU D 220 3.14 7.70 -26.75
C LEU D 220 2.24 8.71 -27.46
N LEU D 221 2.32 8.73 -28.79
CA LEU D 221 1.58 9.67 -29.61
C LEU D 221 0.50 8.92 -30.38
N ILE D 222 -0.77 9.26 -30.11
CA ILE D 222 -1.90 8.58 -30.74
C ILE D 222 -2.70 9.57 -31.59
N VAL D 223 -2.99 9.16 -32.83
CA VAL D 223 -3.69 10.00 -33.79
C VAL D 223 -4.97 9.29 -34.24
N PRO D 224 -6.11 9.57 -33.56
CA PRO D 224 -7.39 9.03 -34.06
C PRO D 224 -7.80 9.71 -35.35
N LEU D 225 -8.28 8.92 -36.31
CA LEU D 225 -8.61 9.40 -37.66
C LEU D 225 -9.84 8.71 -38.17
N ARG D 226 -10.58 9.42 -39.02
CA ARG D 226 -11.72 8.86 -39.76
C ARG D 226 -11.35 8.97 -41.23
N LEU D 227 -11.04 7.85 -41.85
CA LEU D 227 -10.43 7.86 -43.19
C LEU D 227 -11.43 7.71 -44.34
N GLY D 228 -12.69 8.02 -44.06
CA GLY D 228 -13.74 7.94 -45.04
C GLY D 228 -15.05 7.84 -44.28
N ILE D 229 -16.15 7.86 -45.00
CA ILE D 229 -17.46 7.85 -44.38
C ILE D 229 -17.86 6.42 -43.98
N ASN D 230 -18.10 5.56 -44.96
CA ASN D 230 -18.45 4.17 -44.67
C ASN D 230 -17.30 3.19 -44.89
N GLN D 231 -16.29 3.65 -45.62
CA GLN D 231 -15.16 2.80 -46.00
C GLN D 231 -13.91 3.67 -46.06
N ILE D 232 -12.74 3.06 -45.92
CA ILE D 232 -11.48 3.79 -46.09
C ILE D 232 -11.36 4.31 -47.53
N ASN D 233 -11.09 5.60 -47.66
CA ASN D 233 -10.89 6.23 -48.96
C ASN D 233 -9.53 5.80 -49.50
N PRO D 234 -9.50 5.25 -50.73
CA PRO D 234 -8.27 4.81 -51.39
C PRO D 234 -7.15 5.87 -51.42
N VAL D 235 -7.51 7.15 -51.36
CA VAL D 235 -6.50 8.22 -51.34
C VAL D 235 -5.58 8.17 -50.11
N TYR D 236 -5.99 7.48 -49.06
CA TYR D 236 -5.20 7.47 -47.83
C TYR D 236 -4.35 6.21 -47.68
N VAL D 237 -4.48 5.30 -48.64
CA VAL D 237 -3.82 3.99 -48.56
C VAL D 237 -2.30 4.10 -48.48
N ASP D 238 -1.69 4.85 -49.40
CA ASP D 238 -0.24 5.06 -49.40
C ASP D 238 0.28 5.64 -48.09
N ALA D 239 -0.34 6.70 -47.63
CA ALA D 239 0.05 7.37 -46.39
C ALA D 239 -0.10 6.45 -45.18
N PHE D 240 -1.22 5.72 -45.13
CA PHE D 240 -1.45 4.74 -44.08
C PHE D 240 -0.27 3.73 -44.05
N LYS D 241 0.11 3.20 -45.21
CA LYS D 241 1.24 2.30 -45.32
C LYS D 241 2.56 2.92 -44.84
N GLU D 242 2.79 4.19 -45.21
CA GLU D 242 3.99 4.92 -44.77
C GLU D 242 4.16 4.98 -43.27
N CYS D 243 3.04 5.07 -42.53
CA CYS D 243 3.08 5.09 -41.07
C CYS D 243 3.80 3.87 -40.51
N PHE D 244 3.54 2.69 -41.09
CA PHE D 244 4.12 1.44 -40.61
C PHE D 244 5.62 1.31 -40.91
N LYS D 245 6.14 2.16 -41.78
CA LYS D 245 7.53 2.12 -42.19
C LYS D 245 8.41 2.98 -41.28
N MET D 246 7.79 3.90 -40.55
CA MET D 246 8.53 4.81 -39.66
C MET D 246 9.07 4.06 -38.46
N PRO D 247 10.34 4.33 -38.06
CA PRO D 247 10.91 3.62 -36.91
C PRO D 247 10.08 3.81 -35.61
N GLN D 248 9.33 4.90 -35.52
CA GLN D 248 8.54 5.20 -34.32
C GLN D 248 7.18 4.50 -34.28
N SER D 249 6.84 3.78 -35.36
CA SER D 249 5.51 3.22 -35.54
C SER D 249 5.15 2.12 -34.54
N LEU D 250 4.01 2.31 -33.88
CA LEU D 250 3.37 1.32 -33.04
C LEU D 250 2.19 0.66 -33.75
N GLY D 251 2.07 0.92 -35.05
CA GLY D 251 0.96 0.35 -35.81
C GLY D 251 -0.29 1.16 -35.63
N ALA D 252 -1.44 0.50 -35.59
CA ALA D 252 -2.72 1.21 -35.50
C ALA D 252 -3.76 0.36 -34.81
N LEU D 253 -4.68 1.04 -34.11
CA LEU D 253 -5.90 0.42 -33.61
C LEU D 253 -7.00 0.58 -34.63
N GLY D 254 -7.83 -0.44 -34.78
CA GLY D 254 -8.92 -0.36 -35.73
C GLY D 254 -9.87 -1.53 -35.63
N GLY D 255 -10.86 -1.54 -36.52
CA GLY D 255 -11.86 -2.60 -36.57
C GLY D 255 -13.26 -2.09 -36.27
N LYS D 256 -14.26 -2.86 -36.71
N LYS D 256 -14.25 -2.87 -36.70
CA LYS D 256 -15.66 -2.60 -36.41
CA LYS D 256 -15.66 -2.59 -36.43
C LYS D 256 -15.97 -2.94 -34.95
C LYS D 256 -15.97 -2.94 -34.96
N PRO D 257 -17.08 -2.41 -34.41
CA PRO D 257 -17.45 -2.71 -33.02
C PRO D 257 -17.41 -4.22 -32.74
N ASN D 258 -16.75 -4.59 -31.64
CA ASN D 258 -16.54 -5.99 -31.23
C ASN D 258 -15.65 -6.80 -32.16
N ASN D 259 -14.96 -6.11 -33.06
CA ASN D 259 -14.06 -6.77 -33.98
C ASN D 259 -12.79 -5.92 -34.15
N ALA D 260 -12.24 -5.50 -33.01
CA ALA D 260 -11.03 -4.70 -32.96
C ALA D 260 -9.78 -5.55 -33.14
N TYR D 261 -8.86 -5.06 -33.96
CA TYR D 261 -7.57 -5.71 -34.18
C TYR D 261 -6.44 -4.71 -33.94
N TYR D 262 -5.27 -5.24 -33.65
CA TYR D 262 -4.08 -4.42 -33.53
C TYR D 262 -3.22 -4.62 -34.78
N PHE D 263 -3.23 -3.61 -35.64
CA PHE D 263 -2.53 -3.68 -36.91
C PHE D 263 -1.07 -3.33 -36.72
N ILE D 264 -0.18 -4.21 -37.18
CA ILE D 264 1.24 -4.06 -36.88
C ILE D 264 2.11 -3.87 -38.11
N GLY D 265 1.54 -4.03 -39.30
CA GLY D 265 2.33 -3.89 -40.51
C GLY D 265 1.56 -4.22 -41.76
N PHE D 266 2.28 -4.49 -42.85
CA PHE D 266 1.64 -4.71 -44.14
C PHE D 266 2.53 -5.43 -45.14
N LEU D 267 1.85 -6.04 -46.12
CA LEU D 267 2.46 -6.73 -47.25
C LEU D 267 1.50 -6.43 -48.39
N GLY D 268 1.96 -5.68 -49.38
CA GLY D 268 1.10 -5.34 -50.51
C GLY D 268 -0.04 -4.48 -50.00
N ASP D 269 -1.26 -4.79 -50.41
CA ASP D 269 -2.45 -4.06 -49.95
C ASP D 269 -3.12 -4.68 -48.73
N GLU D 270 -2.43 -5.60 -48.06
CA GLU D 270 -3.01 -6.25 -46.88
C GLU D 270 -2.30 -5.82 -45.60
N LEU D 271 -3.08 -5.43 -44.59
CA LEU D 271 -2.56 -5.18 -43.26
C LEU D 271 -2.39 -6.48 -42.47
N ILE D 272 -1.29 -6.55 -41.71
CA ILE D 272 -1.02 -7.67 -40.83
C ILE D 272 -1.41 -7.23 -39.42
N PHE D 273 -2.14 -8.08 -38.69
CA PHE D 273 -2.68 -7.72 -37.38
C PHE D 273 -2.58 -8.84 -36.34
N LEU D 274 -2.50 -8.44 -35.08
CA LEU D 274 -2.65 -9.37 -33.98
C LEU D 274 -4.12 -9.33 -33.54
N ASP D 275 -4.64 -10.49 -33.16
CA ASP D 275 -6.08 -10.68 -32.97
C ASP D 275 -6.38 -11.12 -31.53
N PRO D 276 -7.14 -10.30 -30.76
CA PRO D 276 -7.44 -10.67 -29.36
C PRO D 276 -8.64 -11.60 -29.17
N HIS D 277 -9.24 -12.06 -30.27
CA HIS D 277 -10.49 -12.81 -30.21
C HIS D 277 -10.29 -14.32 -29.97
N THR D 278 -9.47 -14.63 -28.96
CA THR D 278 -9.32 -15.99 -28.39
C THR D 278 -9.49 -15.85 -26.88
N THR D 279 -10.45 -16.58 -26.31
CA THR D 279 -10.67 -16.48 -24.87
C THR D 279 -9.73 -17.43 -24.13
N GLN D 280 -8.93 -16.88 -23.22
CA GLN D 280 -8.00 -17.70 -22.43
C GLN D 280 -8.20 -17.52 -20.93
N THR D 281 -7.78 -18.54 -20.18
CA THR D 281 -7.87 -18.51 -18.72
C THR D 281 -6.90 -17.50 -18.14
N PHE D 282 -7.39 -16.75 -17.14
CA PHE D 282 -6.58 -15.85 -16.35
C PHE D 282 -5.30 -16.54 -15.90
N VAL D 283 -4.18 -15.89 -16.18
CA VAL D 283 -2.88 -16.34 -15.75
C VAL D 283 -2.36 -15.32 -14.74
N ASP D 284 -1.98 -15.82 -13.57
CA ASP D 284 -1.48 -14.97 -12.48
C ASP D 284 -0.01 -15.28 -12.21
N THR D 285 0.66 -14.38 -11.49
CA THR D 285 2.08 -14.55 -11.15
C THR D 285 2.32 -15.76 -10.24
N GLU D 286 3.47 -16.39 -10.42
CA GLU D 286 3.90 -17.55 -9.63
C GLU D 286 4.55 -17.09 -8.33
N GLU D 287 4.95 -18.05 -7.49
CA GLU D 287 5.64 -17.75 -6.23
C GLU D 287 6.91 -16.93 -6.43
N ASN D 288 7.67 -17.28 -7.48
CA ASN D 288 8.91 -16.60 -7.83
C ASN D 288 8.73 -15.18 -8.37
N GLY D 289 7.50 -14.67 -8.29
CA GLY D 289 7.19 -13.31 -8.73
C GLY D 289 7.01 -13.12 -10.23
N THR D 290 7.28 -14.17 -11.00
CA THR D 290 7.13 -14.11 -12.44
C THR D 290 5.79 -14.66 -12.88
N VAL D 291 5.40 -14.34 -14.11
CA VAL D 291 4.21 -14.92 -14.72
C VAL D 291 4.64 -15.72 -15.95
N ASN D 292 4.09 -16.92 -16.12
CA ASN D 292 4.33 -17.68 -17.35
C ASN D 292 3.80 -16.87 -18.55
N ASP D 293 4.71 -16.49 -19.46
CA ASP D 293 4.37 -15.62 -20.59
C ASP D 293 3.88 -16.37 -21.83
N GLN D 294 3.76 -17.68 -21.69
CA GLN D 294 3.42 -18.56 -22.82
C GLN D 294 2.18 -18.13 -23.61
N THR D 295 1.13 -17.74 -22.91
CA THR D 295 -0.13 -17.38 -23.57
C THR D 295 -0.18 -15.91 -24.02
N PHE D 296 0.95 -15.21 -23.89
CA PHE D 296 1.05 -13.78 -24.23
C PHE D 296 1.90 -13.56 -25.45
N HIS D 297 2.10 -14.62 -26.23
CA HIS D 297 2.80 -14.56 -27.51
C HIS D 297 2.09 -15.40 -28.56
N CYS D 298 1.73 -14.77 -29.67
CA CYS D 298 0.95 -15.44 -30.72
C CYS D 298 1.86 -16.24 -31.65
N LEU D 299 1.65 -17.55 -31.66
CA LEU D 299 2.45 -18.46 -32.47
C LEU D 299 1.71 -18.88 -33.75
N GLN D 300 0.48 -18.39 -33.90
CA GLN D 300 -0.36 -18.66 -35.07
C GLN D 300 0.24 -18.05 -36.33
N SER D 301 -0.11 -18.63 -37.48
CA SER D 301 0.23 -18.03 -38.77
C SER D 301 -0.39 -16.64 -38.83
N PRO D 302 0.42 -15.63 -39.20
CA PRO D 302 -0.02 -14.23 -39.21
C PRO D 302 -1.31 -14.01 -40.00
N GLN D 303 -2.19 -13.15 -39.48
CA GLN D 303 -3.43 -12.84 -40.16
C GLN D 303 -3.26 -11.56 -40.99
N ARG D 304 -3.93 -11.52 -42.13
CA ARG D 304 -3.92 -10.33 -42.96
C ARG D 304 -5.30 -9.99 -43.51
N MET D 305 -5.55 -8.70 -43.70
CA MET D 305 -6.76 -8.24 -44.36
C MET D 305 -6.48 -7.11 -45.33
N ASN D 306 -7.19 -7.11 -46.45
CA ASN D 306 -7.07 -6.02 -47.40
C ASN D 306 -7.46 -4.72 -46.72
N ILE D 307 -6.65 -3.69 -46.91
CA ILE D 307 -6.80 -2.37 -46.25
C ILE D 307 -8.19 -1.81 -46.46
N LEU D 308 -8.74 -2.03 -47.66
CA LEU D 308 -10.00 -1.42 -48.04
C LEU D 308 -11.18 -2.10 -47.34
N ASN D 309 -10.92 -3.23 -46.70
CA ASN D 309 -11.95 -3.91 -45.93
C ASN D 309 -12.01 -3.43 -44.48
N LEU D 310 -11.11 -2.52 -44.12
CA LEU D 310 -11.01 -2.03 -42.75
C LEU D 310 -11.97 -0.87 -42.51
N ASP D 311 -12.62 -0.88 -41.35
CA ASP D 311 -13.44 0.24 -40.89
C ASP D 311 -12.63 1.55 -40.96
N PRO D 312 -13.26 2.66 -41.39
CA PRO D 312 -12.50 3.92 -41.51
C PRO D 312 -12.09 4.61 -40.19
N SER D 313 -12.62 4.17 -39.05
CA SER D 313 -12.20 4.74 -37.75
C SER D 313 -11.00 4.01 -37.17
N VAL D 314 -9.85 4.67 -37.25
CA VAL D 314 -8.59 4.09 -36.77
C VAL D 314 -7.93 5.02 -35.77
N ALA D 315 -6.86 4.54 -35.12
CA ALA D 315 -5.94 5.45 -34.42
C ALA D 315 -4.52 4.96 -34.65
N LEU D 316 -3.69 5.84 -35.21
CA LEU D 316 -2.28 5.54 -35.36
C LEU D 316 -1.58 5.69 -34.03
N GLY D 317 -0.56 4.87 -33.81
CA GLY D 317 0.31 5.03 -32.64
C GLY D 317 1.76 5.18 -33.03
N PHE D 318 2.46 6.05 -32.30
CA PHE D 318 3.90 6.23 -32.45
C PHE D 318 4.54 6.39 -31.10
N PHE D 319 5.77 5.92 -30.99
CA PHE D 319 6.55 6.04 -29.78
C PHE D 319 7.84 6.82 -30.06
N CYS D 320 8.05 7.90 -29.31
CA CYS D 320 9.26 8.70 -29.45
C CYS D 320 9.98 8.73 -28.12
N LYS D 321 11.01 7.90 -27.98
CA LYS D 321 11.74 7.76 -26.71
C LYS D 321 12.39 9.06 -26.29
N GLU D 322 12.95 9.78 -27.25
CA GLU D 322 13.68 11.03 -26.98
C GLU D 322 13.26 12.12 -27.93
N GLU D 323 13.65 13.36 -27.62
CA GLU D 323 13.29 14.50 -28.46
C GLU D 323 13.71 14.28 -29.91
N LYS D 324 14.91 13.74 -30.11
CA LYS D 324 15.43 13.47 -31.45
C LYS D 324 14.52 12.54 -32.26
N ASP D 325 13.91 11.58 -31.58
CA ASP D 325 12.95 10.65 -32.22
C ASP D 325 11.69 11.37 -32.67
N PHE D 326 11.21 12.29 -31.85
CA PHE D 326 10.04 13.08 -32.21
C PHE D 326 10.38 14.04 -33.34
N ASP D 327 11.57 14.63 -33.31
CA ASP D 327 12.02 15.51 -34.40
C ASP D 327 12.15 14.73 -35.71
N ASN D 328 12.77 13.55 -35.64
CA ASN D 328 12.81 12.65 -36.79
C ASN D 328 11.42 12.30 -37.33
N TRP D 329 10.50 11.99 -36.43
CA TRP D 329 9.13 11.62 -36.79
C TRP D 329 8.45 12.78 -37.53
N CYS D 330 8.65 14.00 -37.03
CA CYS D 330 8.08 15.18 -37.66
C CYS D 330 8.57 15.32 -39.10
N SER D 331 9.86 15.07 -39.31
CA SER D 331 10.48 15.10 -40.65
C SER D 331 9.91 14.04 -41.60
N LEU D 332 9.74 12.82 -41.09
CA LEU D 332 9.16 11.73 -41.88
C LEU D 332 7.72 12.03 -42.27
N VAL D 333 6.99 12.67 -41.35
CA VAL D 333 5.60 13.07 -41.59
C VAL D 333 5.52 14.18 -42.63
N GLN D 334 6.39 15.18 -42.48
CA GLN D 334 6.51 16.23 -43.48
C GLN D 334 6.83 15.63 -44.85
N LYS D 335 7.66 14.59 -44.87
CA LYS D 335 8.09 14.01 -46.15
C LYS D 335 7.02 13.09 -46.78
N GLU D 336 6.40 12.24 -45.96
CA GLU D 336 5.62 11.12 -46.48
C GLU D 336 4.12 11.30 -46.36
N ILE D 337 3.69 12.12 -45.41
CA ILE D 337 2.28 12.32 -45.13
C ILE D 337 1.81 13.64 -45.72
N LEU D 338 2.55 14.71 -45.41
CA LEU D 338 2.14 16.07 -45.78
C LEU D 338 2.23 16.32 -47.28
N LYS D 339 2.97 15.48 -48.00
CA LYS D 339 3.19 15.64 -49.45
C LYS D 339 1.94 15.32 -50.27
N GLU D 340 1.01 14.58 -49.67
CA GLU D 340 -0.21 14.21 -50.37
C GLU D 340 -1.12 15.42 -50.45
N ASN D 341 -1.91 15.50 -51.53
CA ASN D 341 -2.86 16.60 -51.63
C ASN D 341 -4.01 16.44 -50.63
N LEU D 342 -4.52 15.23 -50.53
CA LEU D 342 -5.51 14.91 -49.52
C LEU D 342 -4.75 14.23 -48.38
N ARG D 343 -4.46 15.03 -47.38
CA ARG D 343 -3.61 14.63 -46.26
C ARG D 343 -4.38 13.80 -45.24
N MET D 344 -3.72 12.76 -44.74
CA MET D 344 -4.31 11.85 -43.77
C MET D 344 -4.43 12.58 -42.43
N PHE D 345 -3.42 13.36 -42.08
CA PHE D 345 -3.47 14.18 -40.88
C PHE D 345 -2.53 15.38 -41.04
N GLU D 346 -2.63 16.33 -40.12
CA GLU D 346 -1.86 17.57 -40.16
C GLU D 346 -0.84 17.63 -39.02
N LEU D 347 0.27 18.32 -39.30
CA LEU D 347 1.30 18.54 -38.32
C LEU D 347 1.61 20.03 -38.34
N VAL D 348 1.26 20.72 -37.25
CA VAL D 348 1.46 22.17 -37.13
C VAL D 348 2.44 22.49 -35.99
N GLN D 349 3.11 23.62 -36.10
CA GLN D 349 4.11 24.01 -35.12
C GLN D 349 3.41 24.47 -33.84
N LYS D 350 2.44 25.37 -33.98
CA LYS D 350 1.85 26.04 -32.82
C LYS D 350 0.36 25.77 -32.67
N HIS D 351 -0.10 25.82 -31.43
CA HIS D 351 -1.51 25.75 -31.11
C HIS D 351 -2.22 26.84 -31.92
N PRO D 352 -3.20 26.43 -32.76
CA PRO D 352 -3.89 27.33 -33.70
C PRO D 352 -4.57 28.55 -33.05
N SER D 353 -4.80 28.50 -31.74
CA SER D 353 -5.45 29.58 -30.97
C SER D 353 -6.84 29.97 -31.50
#